data_4EZL
#
_entry.id   4EZL
#
_cell.length_a   141.331
_cell.length_b   67.194
_cell.length_c   106.558
_cell.angle_alpha   90.00
_cell.angle_beta   96.10
_cell.angle_gamma   90.00
#
_symmetry.space_group_name_H-M   'C 1 2 1'
#
loop_
_entity.id
_entity.type
_entity.pdbx_description
1 polymer 'Phosphatidylinositol 4,5-bisphosphate 3-kinase catalytic subunit gamma isoform'
2 non-polymer 2-(1-{[2-(2-aminopyrimidin-5-yl)-4-(morpholin-4-yl)pyrido[3,2-d]pyrimidin-6-yl]methyl}piperidin-4-yl)propan-2-ol
3 water water
#
_entity_poly.entity_id   1
_entity_poly.type   'polypeptide(L)'
_entity_poly.pdbx_seq_one_letter_code
;MSEESQAFQRQLTALIGYDVTDVSNVHDDELEFTRRGLVTPRMAEVASRDPKLYAMHPWVTSKPLPEYLWKKIANNCIFI
VIHRSTTSQTIKVSPDDTPGAILQSFFTKMAKKKSLMDIPESQSEQDFVLRVCGRDEYLVGETPIKNFQWVRHCLKNGEE
IHVVLDTPPDPALDEVRKEEWPLVDDCTGVTGYHEQLTIHGKDHESVFTVSLWDCDRKFRVKIRGIDIPVLPRNTDLTVF
VEANIQHGQQVLCQRRTSPKPFTEEVLWNVWLEFSIKIKDLPKGALLNLQIYCGKAPALSSKASAESPSSESKGKVQLLY
YVNLLLIDHRFLLRRGEYVLHMWQISGKGEDQGSFNADKLTSATNPDKENSMSISILLDNYCHPIALPKHQPTPDPEGDR
VRAEMPNQLRKQLEAIIATDPLNPLTAEDKELLWHFRYESLKHPKAYPKLFSSVKWGQQEIVAKTYQLLARREVWDQSAL
DVGLTMQLLDCNFSDENVRAIAVQKLESLEDDDVLHYLLQLVQAVKFEPYHDSALARFLLKRGLRNKRIGHFLFWFLRSE
IAQSRHYQQRFAVILEAYLRGCGTAMLHDFTQQVQVIEMLQKVTLDIKSLSAEKYDVSSQVISQLKQKLENLQNSQLPES
FRVPYDPGLKAGALAIEKCTVMASKKKPLWLEFKCADPTALSNETIGIIFKHGDDLRQDMLILQILRIMESIWETESLDL
CLLPYGCISTGDKIGMIEIVKDATTIAKIQQSTVGNTGAFKDEVLNHWLKEKSPTEEKFQAAVERFVYSCAGYCVATFVL
GIGDRHNDNIMITETGNLFHIDFGHILGNYKSFLGINKERVPFVLTPDFLFVMGTSGKKTSPHFQKFQDICVKAYLALRH
HTNLLIILFSMMLMTGMPQLTSKEDIEYIRDALTVGKNEEDAKKYFLDQIEVCRDKGWTVQFNWFLHLVLGIKQGEKHSA
HHHHHH
;
_entity_poly.pdbx_strand_id   A
#
loop_
_chem_comp.id
_chem_comp.type
_chem_comp.name
_chem_comp.formula
0SE non-polymer 2-(1-{[2-(2-aminopyrimidin-5-yl)-4-(morpholin-4-yl)pyrido[3,2-d]pyrimidin-6-yl]methyl}piperidin-4-yl)propan-2-ol 'C24 H32 N8 O2'
#
# COMPACT_ATOMS: atom_id res chain seq x y z
N MET A 1 -28.17 -20.69 -15.08
CA MET A 1 -28.50 -20.14 -13.78
C MET A 1 -29.85 -19.44 -13.82
N SER A 2 -30.33 -18.99 -12.66
CA SER A 2 -31.62 -18.33 -12.58
C SER A 2 -31.56 -16.89 -13.07
N GLU A 3 -32.72 -16.36 -13.48
CA GLU A 3 -32.83 -15.00 -13.98
C GLU A 3 -32.28 -14.00 -12.96
N GLU A 4 -32.37 -14.37 -11.69
CA GLU A 4 -31.88 -13.53 -10.61
C GLU A 4 -30.41 -13.80 -10.31
N SER A 5 -29.95 -15.03 -10.57
CA SER A 5 -28.54 -15.36 -10.29
C SER A 5 -27.59 -14.66 -11.25
N GLN A 6 -28.10 -14.37 -12.44
CA GLN A 6 -27.40 -13.67 -13.51
C GLN A 6 -27.21 -12.21 -13.13
N ALA A 7 -28.35 -11.62 -12.75
CA ALA A 7 -28.49 -10.26 -12.26
C ALA A 7 -27.69 -10.00 -11.00
N PHE A 8 -27.14 -11.06 -10.40
CA PHE A 8 -26.32 -10.92 -9.22
C PHE A 8 -24.89 -10.69 -9.73
N GLN A 9 -24.44 -11.55 -10.65
CA GLN A 9 -23.12 -11.41 -11.28
C GLN A 9 -22.89 -10.11 -12.07
N ARG A 10 -23.96 -9.49 -12.56
CA ARG A 10 -23.86 -8.19 -13.24
C ARG A 10 -23.57 -7.18 -12.15
N GLN A 11 -24.22 -7.36 -11.00
CA GLN A 11 -24.00 -6.46 -9.87
C GLN A 11 -22.54 -6.56 -9.43
N LEU A 12 -22.02 -7.76 -9.17
CA LEU A 12 -20.62 -7.94 -8.84
C LEU A 12 -19.71 -7.23 -9.83
N THR A 13 -19.91 -7.56 -11.11
CA THR A 13 -19.14 -7.01 -12.24
C THR A 13 -19.03 -5.48 -12.17
N ALA A 14 -20.15 -4.82 -11.91
CA ALA A 14 -20.18 -3.37 -11.83
C ALA A 14 -19.40 -2.87 -10.61
N LEU A 15 -19.48 -3.63 -9.52
CA LEU A 15 -18.71 -3.35 -8.32
C LEU A 15 -17.21 -3.54 -8.55
N ILE A 16 -16.89 -4.60 -9.30
CA ILE A 16 -15.52 -5.00 -9.58
C ILE A 16 -14.82 -4.12 -10.62
N GLY A 17 -15.57 -3.71 -11.64
CA GLY A 17 -14.98 -2.96 -12.73
C GLY A 17 -14.38 -3.88 -13.77
N TYR A 18 -14.74 -5.17 -13.69
CA TYR A 18 -14.22 -6.17 -14.63
C TYR A 18 -15.09 -7.44 -14.60
N ASP A 19 -15.20 -8.09 -15.75
CA ASP A 19 -16.10 -9.24 -15.89
C ASP A 19 -15.40 -10.61 -15.79
N VAL A 20 -15.48 -11.24 -14.62
CA VAL A 20 -14.77 -12.51 -14.37
C VAL A 20 -15.43 -13.71 -15.05
N THR A 21 -16.41 -13.48 -15.91
CA THR A 21 -17.05 -14.57 -16.64
C THR A 21 -16.64 -14.54 -18.10
N ASP A 22 -15.88 -13.52 -18.44
CA ASP A 22 -15.44 -13.31 -19.80
C ASP A 22 -14.22 -14.18 -19.96
N VAL A 23 -14.13 -14.88 -21.08
CA VAL A 23 -13.00 -15.78 -21.34
C VAL A 23 -12.34 -15.53 -22.70
N SER A 24 -12.40 -14.28 -23.17
CA SER A 24 -11.82 -13.92 -24.45
C SER A 24 -10.30 -13.89 -24.36
N ASN A 25 -9.76 -13.67 -23.16
CA ASN A 25 -8.32 -13.52 -23.06
C ASN A 25 -7.62 -14.53 -22.14
N VAL A 26 -7.92 -15.81 -22.36
CA VAL A 26 -7.24 -16.87 -21.63
C VAL A 26 -6.88 -17.92 -22.68
N HIS A 27 -5.94 -18.77 -22.30
CA HIS A 27 -5.55 -19.94 -23.07
C HIS A 27 -5.62 -21.20 -22.22
N ASP A 28 -6.11 -21.01 -20.99
CA ASP A 28 -6.38 -22.11 -20.08
C ASP A 28 -7.45 -21.75 -19.05
N ASP A 29 -7.68 -22.64 -18.09
CA ASP A 29 -8.75 -22.42 -17.13
C ASP A 29 -8.26 -22.04 -15.73
N GLU A 30 -7.05 -21.48 -15.59
CA GLU A 30 -6.56 -21.20 -14.25
C GLU A 30 -7.42 -20.20 -13.48
N LEU A 31 -7.93 -19.20 -14.18
CA LEU A 31 -8.74 -18.19 -13.54
C LEU A 31 -10.04 -18.81 -13.04
N GLU A 32 -10.68 -19.58 -13.92
CA GLU A 32 -11.93 -20.23 -13.57
C GLU A 32 -11.72 -21.28 -12.47
N PHE A 33 -10.58 -21.96 -12.50
CA PHE A 33 -10.22 -22.94 -11.48
C PHE A 33 -10.03 -22.25 -10.14
N THR A 34 -9.42 -21.07 -10.19
CA THR A 34 -9.22 -20.28 -8.99
C THR A 34 -10.58 -19.82 -8.44
N ARG A 35 -11.50 -19.42 -9.31
CA ARG A 35 -12.85 -19.08 -8.83
C ARG A 35 -13.48 -20.18 -7.99
N ARG A 36 -13.45 -21.40 -8.50
CA ARG A 36 -14.04 -22.52 -7.79
C ARG A 36 -13.20 -22.81 -6.56
N GLY A 37 -11.88 -22.81 -6.72
CA GLY A 37 -11.01 -23.10 -5.60
C GLY A 37 -11.29 -22.15 -4.43
N LEU A 38 -11.52 -20.87 -4.72
CA LEU A 38 -11.74 -19.89 -3.65
C LEU A 38 -13.09 -20.02 -2.93
N VAL A 39 -13.95 -20.92 -3.40
CA VAL A 39 -15.24 -21.10 -2.74
C VAL A 39 -15.10 -21.68 -1.34
N THR A 40 -14.18 -22.64 -1.20
CA THR A 40 -13.97 -23.33 0.07
C THR A 40 -13.39 -22.39 1.13
N PRO A 41 -12.31 -21.65 0.81
CA PRO A 41 -11.82 -20.69 1.81
C PRO A 41 -12.88 -19.66 2.20
N ARG A 42 -13.67 -19.18 1.23
CA ARG A 42 -14.70 -18.18 1.51
C ARG A 42 -15.76 -18.68 2.46
N MET A 43 -16.35 -19.83 2.15
CA MET A 43 -17.43 -20.36 2.96
C MET A 43 -16.92 -20.68 4.36
N ALA A 44 -15.73 -21.26 4.43
CA ALA A 44 -15.11 -21.57 5.72
C ALA A 44 -15.05 -20.35 6.63
N GLU A 45 -14.56 -19.23 6.11
CA GLU A 45 -14.39 -18.05 6.93
C GLU A 45 -15.74 -17.41 7.31
N VAL A 46 -16.66 -17.35 6.34
CA VAL A 46 -18.02 -16.85 6.58
C VAL A 46 -18.73 -17.72 7.59
N ALA A 47 -18.48 -19.02 7.52
CA ALA A 47 -19.08 -19.96 8.43
C ALA A 47 -18.50 -19.82 9.82
N SER A 48 -17.32 -19.21 9.94
CA SER A 48 -16.64 -19.18 11.23
C SER A 48 -16.54 -17.77 11.82
N ARG A 49 -17.32 -16.83 11.31
CA ARG A 49 -17.26 -15.47 11.84
C ARG A 49 -18.44 -15.21 12.76
N ASP A 50 -18.17 -14.58 13.89
CA ASP A 50 -19.23 -14.22 14.82
C ASP A 50 -20.06 -13.14 14.17
N PRO A 51 -21.38 -13.37 14.02
CA PRO A 51 -22.26 -12.40 13.37
C PRO A 51 -22.27 -11.04 14.05
N LYS A 52 -22.28 -10.99 15.38
CA LYS A 52 -22.36 -9.71 16.08
C LYS A 52 -21.08 -8.89 16.09
N LEU A 53 -19.95 -9.55 16.34
CA LEU A 53 -18.65 -8.88 16.28
C LEU A 53 -18.48 -8.36 14.86
N TYR A 54 -18.77 -9.20 13.88
CA TYR A 54 -18.64 -8.86 12.47
C TYR A 54 -19.50 -7.66 12.08
N ALA A 55 -20.69 -7.59 12.64
CA ALA A 55 -21.64 -6.52 12.31
C ALA A 55 -21.19 -5.19 12.90
N MET A 56 -20.52 -5.25 14.04
CA MET A 56 -20.07 -4.08 14.77
C MET A 56 -18.60 -3.71 14.51
N HIS A 57 -17.82 -4.68 13.99
CA HIS A 57 -16.42 -4.53 13.58
C HIS A 57 -15.60 -3.69 14.57
N PRO A 58 -15.47 -4.15 15.83
CA PRO A 58 -14.65 -3.43 16.80
C PRO A 58 -13.16 -3.28 16.30
N TRP A 59 -12.71 -2.02 16.28
CA TRP A 59 -11.33 -1.70 15.92
C TRP A 59 -10.44 -1.63 17.19
N VAL A 60 -9.75 -2.73 17.48
CA VAL A 60 -8.95 -2.82 18.69
C VAL A 60 -7.50 -3.20 18.43
N THR A 61 -6.67 -3.08 19.46
CA THR A 61 -5.29 -3.53 19.41
C THR A 61 -4.81 -4.22 20.69
N SER A 62 -3.77 -5.03 20.60
CA SER A 62 -3.22 -5.68 21.81
C SER A 62 -1.81 -5.18 22.08
N LYS A 63 -1.47 -4.01 21.53
CA LYS A 63 -0.20 -3.40 21.88
C LYS A 63 -0.28 -2.64 23.21
N PRO A 64 0.87 -2.50 23.88
CA PRO A 64 0.78 -1.72 25.11
C PRO A 64 0.45 -0.27 24.79
N LEU A 65 -0.26 0.38 25.70
CA LEU A 65 -0.53 1.79 25.53
C LEU A 65 0.77 2.56 25.70
N PRO A 66 1.18 3.31 24.67
CA PRO A 66 2.42 4.10 24.61
C PRO A 66 2.61 4.96 25.87
N GLU A 67 3.86 5.20 26.24
CA GLU A 67 4.17 6.04 27.41
C GLU A 67 3.56 7.43 27.26
N TYR A 68 3.51 7.96 26.04
CA TYR A 68 2.98 9.31 25.87
C TYR A 68 1.48 9.41 26.08
N LEU A 69 0.77 8.27 26.02
CA LEU A 69 -0.68 8.31 26.30
C LEU A 69 -1.03 8.04 27.76
N TRP A 70 -0.25 7.20 28.41
CA TRP A 70 -0.39 6.98 29.85
C TRP A 70 -0.30 8.31 30.55
N LYS A 71 0.77 9.06 30.29
CA LYS A 71 0.91 10.34 30.95
C LYS A 71 -0.34 11.21 30.85
N LYS A 72 -1.11 11.11 29.76
CA LYS A 72 -2.29 11.96 29.71
C LYS A 72 -3.39 11.48 30.69
N ILE A 73 -3.22 10.26 31.21
CA ILE A 73 -4.17 9.65 32.16
C ILE A 73 -3.47 9.73 33.52
N ALA A 74 -3.43 10.88 34.18
CA ALA A 74 -2.83 10.94 35.51
C ALA A 74 -3.75 10.65 36.69
N ASN A 75 -4.80 9.85 36.46
CA ASN A 75 -5.76 9.47 37.52
C ASN A 75 -6.22 8.00 37.52
N ASN A 76 -5.84 7.32 36.44
CA ASN A 76 -6.26 5.97 36.07
C ASN A 76 -7.79 5.96 36.06
N CYS A 77 -8.26 7.06 35.47
CA CYS A 77 -9.64 7.53 35.37
C CYS A 77 -9.84 7.87 33.90
N ILE A 78 -10.93 7.44 33.26
CA ILE A 78 -11.13 7.90 31.89
C ILE A 78 -12.57 8.30 31.72
N PHE A 79 -12.74 9.55 31.32
CA PHE A 79 -14.06 10.14 31.21
C PHE A 79 -14.65 9.84 29.84
N ILE A 80 -15.90 9.39 29.86
CA ILE A 80 -16.66 9.10 28.66
C ILE A 80 -17.97 9.88 28.67
N VAL A 81 -18.32 10.55 27.58
CA VAL A 81 -19.58 11.28 27.60
C VAL A 81 -20.64 10.45 26.91
N ILE A 82 -21.67 10.08 27.63
CA ILE A 82 -22.68 9.22 27.03
C ILE A 82 -23.85 10.12 26.67
N HIS A 83 -24.46 9.81 25.53
CA HIS A 83 -25.53 10.61 24.94
C HIS A 83 -26.75 9.79 24.63
N ARG A 84 -27.89 10.34 25.03
CA ARG A 84 -29.15 9.71 24.75
C ARG A 84 -30.03 10.93 24.52
N SER A 85 -30.47 11.03 23.27
CA SER A 85 -31.33 12.11 22.89
C SER A 85 -30.54 13.37 23.13
N THR A 86 -31.11 14.18 23.99
CA THR A 86 -30.66 15.58 24.26
C THR A 86 -29.92 15.52 25.54
N THR A 87 -30.21 14.50 26.35
CA THR A 87 -29.53 14.30 27.62
C THR A 87 -28.05 13.90 27.37
N SER A 88 -27.24 14.07 28.40
CA SER A 88 -25.81 13.80 28.31
C SER A 88 -25.15 13.65 29.69
N GLN A 89 -24.56 12.49 29.98
CA GLN A 89 -23.93 12.29 31.29
C GLN A 89 -22.58 11.57 31.16
N THR A 90 -21.57 12.28 31.66
CA THR A 90 -20.19 11.84 31.76
C THR A 90 -20.02 10.77 32.84
N ILE A 91 -19.08 9.84 32.63
CA ILE A 91 -18.88 8.78 33.60
C ILE A 91 -17.40 8.43 33.82
N LYS A 92 -16.94 8.53 35.06
CA LYS A 92 -15.55 8.17 35.33
C LYS A 92 -15.45 6.68 35.04
N VAL A 93 -14.27 6.23 34.66
CA VAL A 93 -14.01 4.85 34.26
C VAL A 93 -12.54 4.52 34.55
N SER A 94 -12.26 3.25 34.80
CA SER A 94 -10.90 2.70 34.88
C SER A 94 -10.47 2.24 33.48
N PRO A 95 -9.20 2.52 33.10
CA PRO A 95 -8.68 2.17 31.77
C PRO A 95 -8.80 0.69 31.42
N ASP A 96 -9.20 -0.14 32.37
CA ASP A 96 -9.24 -1.58 32.18
C ASP A 96 -10.71 -2.02 32.04
N ASP A 97 -11.64 -1.08 32.15
CA ASP A 97 -13.06 -1.44 32.08
C ASP A 97 -13.60 -1.78 30.70
N THR A 98 -14.11 -2.99 30.55
CA THR A 98 -14.66 -3.49 29.29
C THR A 98 -15.95 -2.69 29.04
N PRO A 99 -16.40 -2.60 27.78
CA PRO A 99 -17.68 -1.89 27.60
C PRO A 99 -18.88 -2.52 28.30
N GLY A 100 -18.92 -3.84 28.45
CA GLY A 100 -20.03 -4.46 29.14
C GLY A 100 -20.10 -4.04 30.59
N ALA A 101 -18.93 -3.79 31.17
CA ALA A 101 -18.85 -3.29 32.54
C ALA A 101 -19.21 -1.81 32.62
N ILE A 102 -18.69 -1.01 31.70
CA ILE A 102 -19.03 0.42 31.69
C ILE A 102 -20.54 0.60 31.60
N LEU A 103 -21.19 -0.23 30.77
CA LEU A 103 -22.64 -0.21 30.64
C LEU A 103 -23.19 -0.52 32.01
N GLN A 104 -22.63 -1.56 32.63
CA GLN A 104 -23.12 -2.00 33.92
C GLN A 104 -22.89 -1.04 35.08
N SER A 105 -21.86 -0.21 35.03
CA SER A 105 -21.71 0.79 36.07
C SER A 105 -22.61 1.98 35.74
N PHE A 106 -23.23 1.95 34.56
CA PHE A 106 -24.09 3.05 34.10
C PHE A 106 -25.57 2.80 34.41
N PHE A 107 -26.08 1.58 34.16
CA PHE A 107 -27.47 1.31 34.54
C PHE A 107 -27.59 1.29 36.06
N THR A 108 -26.47 1.50 36.74
CA THR A 108 -26.43 1.55 38.18
C THR A 108 -26.64 3.01 38.58
N LYS A 109 -26.06 3.92 37.80
CA LYS A 109 -26.19 5.36 38.01
C LYS A 109 -27.40 5.90 37.24
N GLU A 125 -33.19 -5.02 27.94
CA GLU A 125 -32.84 -3.75 28.57
C GLU A 125 -31.31 -3.59 28.62
N GLN A 126 -30.61 -4.72 28.57
CA GLN A 126 -29.15 -4.69 28.50
C GLN A 126 -28.67 -4.98 27.09
N ASP A 127 -29.54 -4.77 26.11
CA ASP A 127 -29.16 -4.97 24.72
C ASP A 127 -28.84 -3.66 24.01
N PHE A 128 -28.03 -2.80 24.65
CA PHE A 128 -27.58 -1.59 23.98
C PHE A 128 -26.07 -1.64 23.78
N VAL A 129 -25.59 -0.74 22.94
CA VAL A 129 -24.18 -0.70 22.62
C VAL A 129 -23.56 0.69 22.40
N LEU A 130 -22.33 0.84 22.90
CA LEU A 130 -21.66 2.13 22.84
C LEU A 130 -21.05 2.43 21.48
N ARG A 131 -21.73 3.27 20.71
CA ARG A 131 -21.28 3.71 19.39
C ARG A 131 -20.73 5.13 19.39
N VAL A 132 -19.61 5.34 18.67
CA VAL A 132 -19.02 6.67 18.58
C VAL A 132 -20.03 7.55 17.88
N CYS A 133 -20.14 8.79 18.36
CA CYS A 133 -21.06 9.77 17.81
C CYS A 133 -20.59 10.16 16.42
N GLY A 134 -21.48 10.08 15.45
CA GLY A 134 -21.18 10.51 14.10
C GLY A 134 -20.31 9.54 13.32
N ARG A 135 -20.27 8.29 13.79
CA ARG A 135 -19.49 7.27 13.11
C ARG A 135 -20.13 5.90 13.26
N ASP A 136 -19.91 5.06 12.24
CA ASP A 136 -20.24 3.66 12.36
C ASP A 136 -19.03 3.00 12.97
N GLU A 137 -18.92 3.17 14.29
CA GLU A 137 -17.79 2.70 15.07
C GLU A 137 -18.36 2.32 16.41
N TYR A 138 -18.06 1.10 16.83
CA TYR A 138 -18.69 0.59 18.04
C TYR A 138 -17.65 0.25 19.10
N LEU A 139 -17.89 0.63 20.36
CA LEU A 139 -17.02 0.19 21.45
C LEU A 139 -17.68 -1.00 22.14
N VAL A 140 -17.45 -2.20 21.61
CA VAL A 140 -18.11 -3.39 22.13
C VAL A 140 -17.11 -4.55 22.25
N GLY A 141 -17.49 -5.63 22.93
CA GLY A 141 -16.63 -6.79 23.05
C GLY A 141 -15.83 -6.87 24.34
N GLU A 142 -15.12 -7.97 24.51
CA GLU A 142 -14.31 -8.17 25.72
C GLU A 142 -12.91 -7.66 25.50
N THR A 143 -12.82 -6.35 25.35
CA THR A 143 -11.55 -5.70 25.27
C THR A 143 -11.56 -4.56 26.27
N PRO A 144 -10.43 -4.30 26.93
CA PRO A 144 -10.26 -3.17 27.85
C PRO A 144 -10.54 -1.87 27.12
N ILE A 145 -11.25 -0.93 27.72
CA ILE A 145 -11.60 0.32 27.03
C ILE A 145 -10.36 1.03 26.48
N LYS A 146 -9.20 0.78 27.10
CA LYS A 146 -7.95 1.42 26.70
C LYS A 146 -7.40 0.79 25.43
N ASN A 147 -8.03 -0.30 24.97
CA ASN A 147 -7.50 -1.02 23.83
C ASN A 147 -8.33 -0.80 22.57
N PHE A 148 -9.12 0.26 22.56
CA PHE A 148 -9.83 0.66 21.34
C PHE A 148 -9.14 1.82 20.60
N GLN A 149 -8.83 1.62 19.32
CA GLN A 149 -8.10 2.63 18.54
C GLN A 149 -8.69 4.04 18.57
N TRP A 150 -10.02 4.14 18.62
CA TRP A 150 -10.68 5.44 18.66
C TRP A 150 -10.33 6.15 19.95
N VAL A 151 -10.40 5.40 21.04
CA VAL A 151 -10.09 5.90 22.36
C VAL A 151 -8.64 6.38 22.43
N ARG A 152 -7.74 5.67 21.75
CA ARG A 152 -6.34 6.05 21.71
C ARG A 152 -6.13 7.31 20.89
N HIS A 153 -6.94 7.43 19.83
CA HIS A 153 -6.87 8.55 18.91
C HIS A 153 -7.26 9.86 19.59
N CYS A 154 -8.32 9.81 20.38
CA CYS A 154 -8.80 10.97 21.12
C CYS A 154 -7.77 11.49 22.13
N LEU A 155 -7.27 10.56 22.92
CA LEU A 155 -6.21 10.80 23.89
C LEU A 155 -5.00 11.54 23.31
N LYS A 156 -4.44 11.00 22.24
CA LYS A 156 -3.27 11.59 21.60
C LYS A 156 -3.58 13.05 21.24
N ASN A 157 -4.73 13.26 20.59
CA ASN A 157 -5.11 14.59 20.14
C ASN A 157 -5.64 15.48 21.29
N GLY A 158 -6.07 14.91 22.43
CA GLY A 158 -6.67 15.74 23.46
C GLY A 158 -8.14 15.97 23.19
N GLU A 159 -8.72 15.07 22.43
CA GLU A 159 -10.13 15.13 22.05
C GLU A 159 -11.04 14.35 23.02
N GLU A 160 -12.32 14.70 23.11
CA GLU A 160 -13.17 14.01 24.09
C GLU A 160 -13.91 12.84 23.49
N ILE A 161 -14.07 11.80 24.31
CA ILE A 161 -14.68 10.56 23.90
C ILE A 161 -16.17 10.76 24.04
N HIS A 162 -16.88 10.90 22.94
CA HIS A 162 -18.31 11.07 23.07
C HIS A 162 -19.00 9.84 22.52
N VAL A 163 -19.82 9.17 23.32
CA VAL A 163 -20.50 8.02 22.76
C VAL A 163 -22.00 8.13 22.99
N VAL A 164 -22.76 7.66 22.02
CA VAL A 164 -24.19 7.51 22.10
C VAL A 164 -24.60 6.07 22.41
N LEU A 165 -25.62 5.91 23.23
CA LEU A 165 -26.18 4.60 23.56
C LEU A 165 -27.34 4.35 22.63
N ASP A 166 -27.18 3.37 21.75
CA ASP A 166 -28.19 3.00 20.78
C ASP A 166 -28.23 1.50 20.53
N THR A 167 -29.07 1.07 19.60
CA THR A 167 -29.22 -0.37 19.40
C THR A 167 -28.13 -1.00 18.54
N PRO A 168 -27.72 -2.24 18.88
CA PRO A 168 -26.71 -2.93 18.07
C PRO A 168 -27.31 -3.23 16.69
N PRO A 169 -26.49 -3.16 15.63
CA PRO A 169 -26.87 -3.48 14.25
C PRO A 169 -27.28 -4.93 14.05
N ASP A 170 -28.44 -5.15 13.40
CA ASP A 170 -28.96 -6.49 13.11
C ASP A 170 -28.06 -7.27 12.16
N PRO A 171 -27.45 -8.37 12.66
CA PRO A 171 -26.57 -9.20 11.83
C PRO A 171 -27.28 -9.85 10.64
N ALA A 172 -28.61 -9.80 10.60
CA ALA A 172 -29.35 -10.29 9.44
C ALA A 172 -28.99 -9.53 8.16
N LEU A 173 -28.55 -8.28 8.34
CA LEU A 173 -28.15 -7.41 7.22
C LEU A 173 -26.89 -7.96 6.59
N ASP A 174 -26.15 -8.73 7.35
CA ASP A 174 -24.87 -9.25 6.91
C ASP A 174 -25.07 -10.62 6.28
N GLU A 175 -26.28 -10.85 5.76
CA GLU A 175 -26.61 -12.12 5.12
C GLU A 175 -25.83 -12.37 3.87
N VAL A 176 -25.36 -13.58 3.73
CA VAL A 176 -24.65 -13.88 2.52
C VAL A 176 -25.58 -14.63 1.59
N ARG A 177 -25.59 -14.20 0.33
CA ARG A 177 -26.40 -14.82 -0.72
C ARG A 177 -25.91 -16.26 -0.84
N LYS A 178 -26.82 -17.20 -0.94
CA LYS A 178 -26.48 -18.62 -1.07
C LYS A 178 -25.73 -18.89 -2.38
N CYS A 215 9.72 -37.18 -16.96
CA CYS A 215 10.42 -37.59 -18.17
C CYS A 215 11.85 -37.02 -18.22
N ASP A 216 12.73 -37.76 -18.88
CA ASP A 216 14.16 -37.42 -18.93
C ASP A 216 14.55 -36.62 -20.19
N ARG A 217 13.61 -36.41 -21.10
CA ARG A 217 13.92 -35.60 -22.27
C ARG A 217 14.35 -34.19 -21.87
N LYS A 218 15.24 -33.56 -22.64
CA LYS A 218 15.61 -32.17 -22.41
C LYS A 218 14.39 -31.34 -22.82
N PHE A 219 14.12 -30.24 -22.13
CA PHE A 219 13.02 -29.39 -22.58
C PHE A 219 13.38 -28.72 -23.91
N ARG A 220 12.35 -28.55 -24.75
CA ARG A 220 12.48 -27.81 -25.98
C ARG A 220 11.18 -27.09 -26.30
N VAL A 221 11.27 -26.03 -27.11
CA VAL A 221 10.09 -25.32 -27.56
C VAL A 221 10.26 -24.83 -28.99
N LYS A 222 9.24 -25.06 -29.81
CA LYS A 222 9.30 -24.61 -31.18
C LYS A 222 8.73 -23.20 -31.27
N ILE A 223 9.53 -22.28 -31.77
CA ILE A 223 9.08 -20.94 -32.07
C ILE A 223 8.56 -20.91 -33.49
N ARG A 224 7.26 -20.75 -33.65
CA ARG A 224 6.70 -20.73 -34.99
C ARG A 224 6.94 -19.40 -35.68
N GLY A 225 6.46 -18.32 -35.07
CA GLY A 225 6.69 -17.00 -35.61
C GLY A 225 6.05 -15.89 -34.83
N ILE A 226 6.32 -14.65 -35.23
CA ILE A 226 5.68 -13.51 -34.59
C ILE A 226 4.86 -12.76 -35.61
N ASP A 227 3.75 -12.21 -35.14
CA ASP A 227 2.77 -11.54 -35.96
C ASP A 227 2.32 -10.25 -35.27
N ILE A 228 2.43 -9.15 -36.01
CA ILE A 228 1.89 -7.88 -35.57
C ILE A 228 1.19 -7.28 -36.77
N PRO A 229 -0.05 -6.80 -36.54
CA PRO A 229 -0.78 -6.24 -37.67
C PRO A 229 -0.11 -5.08 -38.40
N VAL A 230 0.06 -3.91 -37.76
CA VAL A 230 0.70 -2.85 -38.53
C VAL A 230 1.99 -2.16 -38.04
N LEU A 231 3.08 -2.24 -38.80
CA LEU A 231 4.27 -1.48 -38.42
C LEU A 231 4.51 -0.27 -39.35
N PRO A 232 5.15 0.81 -38.87
CA PRO A 232 5.56 2.03 -39.60
C PRO A 232 6.35 1.66 -40.87
N ARG A 233 6.53 2.54 -41.85
CA ARG A 233 7.32 2.14 -43.02
C ARG A 233 8.74 2.80 -43.09
N ASN A 234 9.73 2.26 -42.36
CA ASN A 234 9.50 1.23 -41.35
C ASN A 234 10.06 1.58 -39.94
N THR A 235 11.33 1.99 -39.77
CA THR A 235 12.48 1.78 -40.65
C THR A 235 12.99 0.32 -40.62
N ASP A 236 13.91 -0.02 -41.52
CA ASP A 236 14.50 -1.36 -41.58
C ASP A 236 15.31 -1.74 -40.33
N LEU A 237 14.62 -2.52 -39.51
CA LEU A 237 15.01 -3.11 -38.23
C LEU A 237 15.18 -4.62 -38.32
N THR A 238 15.86 -5.20 -37.33
CA THR A 238 15.99 -6.65 -37.32
C THR A 238 15.50 -7.20 -36.01
N VAL A 239 14.98 -8.43 -36.06
CA VAL A 239 14.38 -8.99 -34.87
C VAL A 239 14.83 -10.42 -34.56
N PHE A 240 14.77 -10.80 -33.28
CA PHE A 240 14.92 -12.18 -32.86
C PHE A 240 14.06 -12.45 -31.62
N VAL A 241 13.76 -13.73 -31.37
CA VAL A 241 13.01 -14.16 -30.19
C VAL A 241 13.92 -14.75 -29.10
N GLU A 242 13.84 -14.18 -27.89
CA GLU A 242 14.54 -14.75 -26.74
C GLU A 242 13.61 -15.59 -25.87
N ALA A 243 14.07 -16.80 -25.51
CA ALA A 243 13.28 -17.72 -24.70
C ALA A 243 14.03 -18.06 -23.41
N ASN A 244 13.46 -17.65 -22.28
CA ASN A 244 14.06 -17.83 -20.96
C ASN A 244 13.28 -18.74 -20.03
N ILE A 245 13.96 -19.72 -19.45
CA ILE A 245 13.33 -20.52 -18.39
C ILE A 245 13.57 -19.84 -17.03
N GLN A 246 12.53 -19.20 -16.50
CA GLN A 246 12.69 -18.37 -15.31
C GLN A 246 12.08 -18.99 -14.05
N HIS A 247 12.61 -18.59 -12.89
CA HIS A 247 12.11 -19.01 -11.58
C HIS A 247 12.54 -17.99 -10.53
N GLY A 248 11.59 -17.19 -10.05
CA GLY A 248 11.86 -16.12 -9.12
C GLY A 248 12.93 -15.21 -9.70
N GLN A 249 12.68 -14.76 -10.92
CA GLN A 249 13.60 -13.90 -11.67
C GLN A 249 15.00 -14.48 -11.83
N GLN A 250 15.18 -15.73 -11.40
CA GLN A 250 16.39 -16.48 -11.69
C GLN A 250 16.21 -17.21 -13.01
N VAL A 251 17.13 -16.90 -13.93
CA VAL A 251 17.19 -17.58 -15.24
C VAL A 251 17.93 -18.87 -15.22
N LEU A 252 17.21 -19.95 -15.39
CA LEU A 252 17.76 -21.30 -15.37
C LEU A 252 18.54 -21.70 -16.64
N CYS A 253 18.10 -21.12 -17.77
CA CYS A 253 18.69 -21.37 -19.09
C CYS A 253 18.08 -20.39 -20.09
N GLN A 254 18.74 -20.18 -21.22
CA GLN A 254 18.32 -19.19 -22.22
C GLN A 254 18.70 -19.56 -23.65
N ARG A 255 17.74 -19.48 -24.56
CA ARG A 255 18.07 -19.72 -25.95
C ARG A 255 17.46 -18.64 -26.85
N ARG A 256 18.16 -18.20 -27.89
CA ARG A 256 17.58 -17.22 -28.82
C ARG A 256 17.65 -17.79 -30.24
N THR A 257 16.71 -17.33 -31.06
CA THR A 257 16.66 -17.60 -32.49
C THR A 257 17.58 -16.70 -33.30
N SER A 258 17.74 -16.98 -34.59
CA SER A 258 18.53 -16.06 -35.40
C SER A 258 17.75 -14.77 -35.69
N PRO A 259 18.47 -13.70 -36.09
CA PRO A 259 17.92 -12.41 -36.52
C PRO A 259 17.18 -12.43 -37.86
N LYS A 260 16.06 -11.70 -37.96
CA LYS A 260 15.27 -11.61 -39.21
C LYS A 260 14.69 -10.20 -39.40
N PRO A 261 14.70 -9.68 -40.65
CA PRO A 261 14.15 -8.34 -40.91
C PRO A 261 12.75 -8.21 -40.27
N PHE A 262 12.53 -7.12 -39.55
CA PHE A 262 11.30 -6.90 -38.77
C PHE A 262 10.08 -6.57 -39.63
N THR A 263 9.40 -7.61 -40.10
CA THR A 263 8.15 -7.48 -40.86
C THR A 263 6.91 -7.89 -40.06
N GLU A 264 5.72 -7.55 -40.56
CA GLU A 264 4.49 -7.88 -39.84
C GLU A 264 4.25 -9.36 -39.57
N GLU A 265 4.87 -10.23 -40.36
CA GLU A 265 4.86 -11.67 -40.06
C GLU A 265 6.26 -12.23 -40.23
N VAL A 266 6.79 -12.83 -39.18
CA VAL A 266 8.14 -13.40 -39.23
C VAL A 266 8.06 -14.85 -38.79
N LEU A 267 8.36 -15.77 -39.70
CA LEU A 267 8.27 -17.21 -39.45
C LEU A 267 9.65 -17.84 -39.30
N TRP A 268 9.80 -18.62 -38.22
CA TRP A 268 11.05 -19.31 -37.93
C TRP A 268 10.97 -20.83 -38.08
N ASN A 269 9.87 -21.40 -37.58
CA ASN A 269 9.68 -22.85 -37.53
C ASN A 269 10.86 -23.58 -36.87
N VAL A 270 11.40 -23.03 -35.80
CA VAL A 270 12.61 -23.60 -35.24
C VAL A 270 12.46 -24.17 -33.82
N TRP A 271 13.03 -25.37 -33.63
CA TRP A 271 13.12 -25.93 -32.30
C TRP A 271 14.30 -25.30 -31.59
N LEU A 272 14.01 -24.83 -30.38
CA LEU A 272 14.99 -24.34 -29.43
C LEU A 272 15.16 -25.42 -28.40
N GLU A 273 16.36 -25.97 -28.31
CA GLU A 273 16.62 -27.01 -27.34
C GLU A 273 17.36 -26.54 -26.11
N PHE A 274 16.75 -26.75 -24.93
CA PHE A 274 17.39 -26.27 -23.71
C PHE A 274 18.16 -27.38 -23.04
N SER A 275 19.04 -26.99 -22.12
CA SER A 275 19.86 -27.92 -21.38
C SER A 275 19.13 -28.56 -20.22
N ILE A 276 18.00 -27.98 -19.84
CA ILE A 276 17.32 -28.50 -18.66
C ILE A 276 16.38 -29.63 -19.04
N LYS A 277 16.47 -30.71 -18.26
CA LYS A 277 15.57 -31.86 -18.34
C LYS A 277 14.16 -31.52 -17.86
N ILE A 278 13.17 -32.09 -18.54
CA ILE A 278 11.77 -31.91 -18.18
C ILE A 278 11.48 -32.21 -16.73
N LYS A 279 12.14 -33.24 -16.19
CA LYS A 279 11.96 -33.65 -14.80
C LYS A 279 12.59 -32.66 -13.81
N ASP A 280 13.38 -31.72 -14.33
CA ASP A 280 14.04 -30.76 -13.47
C ASP A 280 13.31 -29.43 -13.36
N LEU A 281 12.33 -29.22 -14.24
CA LEU A 281 11.51 -28.02 -14.19
C LEU A 281 10.83 -27.88 -12.86
N PRO A 282 10.98 -26.69 -12.24
CA PRO A 282 10.27 -26.48 -10.99
C PRO A 282 8.88 -25.88 -11.21
N LYS A 283 7.86 -26.36 -10.51
CA LYS A 283 6.55 -25.71 -10.50
C LYS A 283 6.68 -24.23 -10.33
N GLY A 284 6.12 -23.46 -11.25
CA GLY A 284 6.16 -22.02 -11.11
C GLY A 284 7.22 -21.41 -11.98
N ALA A 285 8.02 -22.26 -12.63
CA ALA A 285 8.95 -21.77 -13.61
C ALA A 285 8.17 -21.12 -14.73
N LEU A 286 8.68 -20.03 -15.29
CA LEU A 286 8.03 -19.38 -16.41
C LEU A 286 8.81 -19.66 -17.67
N LEU A 287 8.11 -19.86 -18.77
CA LEU A 287 8.72 -19.68 -20.07
C LEU A 287 8.56 -18.21 -20.42
N ASN A 288 9.67 -17.49 -20.45
CA ASN A 288 9.69 -16.07 -20.76
C ASN A 288 10.04 -15.85 -22.23
N LEU A 289 9.14 -15.24 -22.99
CA LEU A 289 9.33 -15.05 -24.42
C LEU A 289 9.50 -13.56 -24.71
N GLN A 290 10.66 -13.18 -25.23
CA GLN A 290 10.97 -11.77 -25.47
C GLN A 290 11.46 -11.46 -26.89
N ILE A 291 10.99 -10.35 -27.43
CA ILE A 291 11.40 -9.85 -28.75
C ILE A 291 12.34 -8.64 -28.72
N TYR A 292 13.48 -8.75 -29.39
CA TYR A 292 14.47 -7.67 -29.47
C TYR A 292 14.74 -7.08 -30.84
N CYS A 293 14.87 -5.75 -30.91
CA CYS A 293 15.32 -5.11 -32.14
C CYS A 293 16.82 -4.81 -32.06
N LEU A 318 14.77 -4.55 -26.90
CA LEU A 318 13.60 -5.28 -26.44
C LEU A 318 12.30 -4.47 -26.60
N LEU A 319 11.32 -5.08 -27.26
CA LEU A 319 10.01 -4.48 -27.55
C LEU A 319 8.76 -5.17 -27.01
N TYR A 320 8.80 -6.48 -26.91
CA TYR A 320 7.60 -7.16 -26.47
C TYR A 320 7.95 -8.30 -25.54
N TYR A 321 7.02 -8.67 -24.67
CA TYR A 321 7.26 -9.79 -23.77
C TYR A 321 5.93 -10.41 -23.41
N VAL A 322 5.97 -11.72 -23.16
CA VAL A 322 4.83 -12.44 -22.65
C VAL A 322 5.33 -13.70 -21.91
N ASN A 323 4.54 -14.16 -20.95
CA ASN A 323 4.90 -15.33 -20.16
C ASN A 323 3.88 -16.48 -20.19
N LEU A 324 4.41 -17.70 -20.07
CA LEU A 324 3.62 -18.92 -20.03
C LEU A 324 4.15 -19.79 -18.92
N LEU A 325 3.28 -20.24 -18.02
CA LEU A 325 3.71 -21.13 -16.95
C LEU A 325 3.95 -22.50 -17.56
N LEU A 326 5.11 -23.08 -17.27
CA LEU A 326 5.50 -24.37 -17.81
C LEU A 326 4.77 -25.52 -17.11
N ILE A 327 4.68 -25.44 -15.79
CA ILE A 327 3.84 -26.35 -15.00
C ILE A 327 2.52 -25.65 -14.69
N ASP A 328 1.39 -26.31 -14.90
CA ASP A 328 0.11 -25.63 -14.68
C ASP A 328 -0.45 -25.81 -13.27
N HIS A 329 -1.64 -25.25 -13.05
CA HIS A 329 -2.21 -25.21 -11.71
C HIS A 329 -2.56 -26.60 -11.24
N ARG A 330 -2.63 -27.56 -12.17
CA ARG A 330 -2.91 -28.94 -11.82
C ARG A 330 -1.64 -29.77 -11.79
N PHE A 331 -0.51 -29.08 -11.75
CA PHE A 331 0.79 -29.74 -11.75
C PHE A 331 1.07 -30.43 -13.09
N LEU A 332 0.60 -29.87 -14.19
CA LEU A 332 0.76 -30.54 -15.49
C LEU A 332 1.72 -29.83 -16.43
N LEU A 333 2.58 -30.58 -17.13
CA LEU A 333 3.46 -29.96 -18.12
C LEU A 333 2.68 -29.36 -19.28
N ARG A 334 2.89 -28.08 -19.52
CA ARG A 334 2.23 -27.40 -20.63
C ARG A 334 2.54 -28.05 -22.02
N ARG A 335 1.53 -28.27 -22.86
CA ARG A 335 1.71 -28.95 -24.16
C ARG A 335 0.83 -28.33 -25.22
N GLY A 336 1.40 -28.08 -26.38
CA GLY A 336 0.57 -27.69 -27.51
C GLY A 336 0.67 -26.33 -28.14
N GLU A 337 -0.33 -25.99 -28.93
CA GLU A 337 -0.24 -24.80 -29.73
C GLU A 337 -0.71 -23.56 -28.97
N TYR A 338 0.13 -22.54 -28.96
CA TYR A 338 -0.19 -21.30 -28.28
C TYR A 338 0.03 -20.09 -29.19
N VAL A 339 -0.92 -19.17 -29.18
CA VAL A 339 -0.74 -17.87 -29.82
C VAL A 339 -0.90 -16.84 -28.73
N LEU A 340 0.22 -16.25 -28.32
CA LEU A 340 0.24 -15.37 -27.16
C LEU A 340 0.43 -13.91 -27.54
N HIS A 341 -0.60 -13.10 -27.25
CA HIS A 341 -0.50 -11.66 -27.44
C HIS A 341 0.34 -11.01 -26.34
N MET A 342 1.38 -10.32 -26.78
CA MET A 342 2.43 -9.86 -25.89
C MET A 342 2.17 -8.44 -25.43
N TRP A 343 2.95 -8.01 -24.44
CA TRP A 343 2.90 -6.66 -23.92
C TRP A 343 4.01 -5.84 -24.56
N GLN A 344 3.76 -4.58 -24.88
CA GLN A 344 4.83 -3.75 -25.44
C GLN A 344 5.56 -3.01 -24.32
N ILE A 345 6.85 -2.78 -24.51
CA ILE A 345 7.63 -1.98 -23.59
C ILE A 345 7.40 -0.50 -23.91
N SER A 346 7.23 0.33 -22.87
CA SER A 346 7.08 1.77 -23.09
C SER A 346 8.29 2.53 -22.55
N GLY A 347 8.57 3.68 -23.13
CA GLY A 347 9.71 4.49 -22.72
C GLY A 347 9.46 5.97 -22.83
N PHE A 355 13.15 -6.44 -12.97
CA PHE A 355 12.92 -5.01 -13.10
C PHE A 355 11.65 -4.52 -12.39
N ASN A 356 10.52 -4.65 -13.08
CA ASN A 356 9.19 -4.35 -12.55
C ASN A 356 8.28 -5.59 -12.61
N ALA A 357 7.33 -5.65 -11.69
CA ALA A 357 6.46 -6.83 -11.56
C ALA A 357 5.51 -7.08 -12.72
N ASP A 358 5.15 -6.08 -13.49
CA ASP A 358 4.34 -6.34 -14.69
C ASP A 358 5.02 -7.37 -15.60
N LYS A 359 6.34 -7.30 -15.72
CA LYS A 359 7.11 -8.26 -16.53
C LYS A 359 6.87 -9.72 -16.12
N LEU A 360 6.34 -9.95 -14.93
CA LEU A 360 6.18 -11.29 -14.38
C LEU A 360 4.83 -11.91 -14.68
N THR A 361 3.87 -11.09 -15.07
CA THR A 361 2.47 -11.52 -15.20
C THR A 361 2.31 -12.73 -16.12
N SER A 362 1.35 -13.58 -15.76
CA SER A 362 1.02 -14.73 -16.59
C SER A 362 -0.16 -14.43 -17.48
N ALA A 363 -0.71 -13.22 -17.36
CA ALA A 363 -1.78 -12.76 -18.23
C ALA A 363 -1.26 -12.36 -19.62
N THR A 364 -2.10 -12.56 -20.64
CA THR A 364 -1.76 -12.18 -22.01
C THR A 364 -2.50 -10.88 -22.34
N ASN A 365 -1.98 -10.12 -23.30
CA ASN A 365 -2.61 -8.86 -23.72
C ASN A 365 -4.05 -9.10 -24.18
N PRO A 366 -5.00 -8.30 -23.64
CA PRO A 366 -6.39 -8.44 -24.04
C PRO A 366 -6.61 -7.90 -25.42
N ASP A 367 -5.85 -6.87 -25.77
CA ASP A 367 -5.98 -6.20 -27.05
C ASP A 367 -5.40 -7.07 -28.17
N LYS A 368 -6.22 -7.98 -28.70
CA LYS A 368 -5.77 -8.95 -29.72
C LYS A 368 -5.57 -8.29 -31.09
N GLU A 369 -6.24 -7.15 -31.26
CA GLU A 369 -6.28 -6.46 -32.55
C GLU A 369 -5.12 -5.50 -32.84
N ASN A 370 -4.38 -5.06 -31.83
CA ASN A 370 -3.24 -4.18 -32.08
C ASN A 370 -1.91 -4.85 -31.69
N SER A 371 -1.97 -5.68 -30.65
CA SER A 371 -0.78 -6.24 -30.00
C SER A 371 0.03 -7.26 -30.81
N MET A 372 1.34 -7.27 -30.59
CA MET A 372 2.21 -8.32 -31.13
C MET A 372 1.81 -9.71 -30.64
N SER A 373 1.75 -10.68 -31.54
CA SER A 373 1.34 -12.04 -31.17
C SER A 373 2.48 -13.01 -31.46
N ILE A 374 2.75 -13.95 -30.56
CA ILE A 374 3.76 -15.00 -30.86
C ILE A 374 3.13 -16.40 -30.84
N SER A 375 3.52 -17.21 -31.82
CA SER A 375 3.01 -18.56 -31.98
C SER A 375 4.11 -19.58 -31.69
N ILE A 376 3.81 -20.52 -30.79
CA ILE A 376 4.76 -21.54 -30.35
C ILE A 376 4.16 -22.94 -30.19
N LEU A 377 4.98 -23.98 -30.21
CA LEU A 377 4.39 -25.26 -29.87
C LEU A 377 5.18 -25.99 -28.80
N LEU A 378 4.40 -26.59 -27.89
CA LEU A 378 4.86 -27.42 -26.78
C LEU A 378 4.66 -28.93 -26.96
N ASP A 379 5.70 -29.76 -27.00
CA ASP A 379 5.42 -31.18 -27.17
C ASP A 379 6.35 -32.08 -26.37
N ASN A 380 6.30 -31.97 -25.05
CA ASN A 380 7.20 -32.75 -24.20
C ASN A 380 6.44 -33.74 -23.31
N HIS A 383 4.86 -35.49 -15.69
CA HIS A 383 4.19 -35.10 -14.44
C HIS A 383 5.04 -35.42 -13.21
N PRO A 384 4.99 -34.52 -12.20
CA PRO A 384 5.88 -34.51 -11.04
C PRO A 384 5.48 -35.39 -9.83
N ILE A 385 5.56 -34.79 -8.65
CA ILE A 385 5.46 -35.46 -7.34
C ILE A 385 4.61 -34.65 -6.34
N ARG A 402 24.41 -35.21 11.75
CA ARG A 402 25.25 -34.30 10.97
C ARG A 402 26.36 -33.68 11.82
N ALA A 403 27.40 -33.20 11.17
CA ALA A 403 28.57 -32.68 11.85
C ALA A 403 28.48 -31.19 12.22
N GLU A 404 29.13 -30.84 13.32
CA GLU A 404 29.26 -29.46 13.79
C GLU A 404 30.30 -28.64 13.03
N MET A 405 29.87 -27.45 12.64
CA MET A 405 30.68 -26.46 11.93
C MET A 405 31.97 -26.03 12.64
N PRO A 406 33.09 -26.05 11.91
CA PRO A 406 34.37 -25.49 12.36
C PRO A 406 34.18 -24.00 12.64
N ASN A 407 34.79 -23.51 13.71
CA ASN A 407 34.59 -22.16 14.22
C ASN A 407 34.72 -21.03 13.17
N GLN A 408 35.72 -21.13 12.29
CA GLN A 408 35.96 -20.08 11.29
C GLN A 408 34.92 -19.92 10.17
N LEU A 409 34.30 -21.03 9.77
CA LEU A 409 33.28 -21.00 8.71
C LEU A 409 31.98 -20.46 9.27
N ARG A 410 31.65 -20.87 10.48
CA ARG A 410 30.44 -20.39 11.13
C ARG A 410 30.47 -18.88 11.27
N LYS A 411 31.61 -18.38 11.71
CA LYS A 411 31.85 -16.95 11.76
C LYS A 411 31.59 -16.40 10.36
N GLN A 412 32.14 -17.08 9.34
CA GLN A 412 32.01 -16.62 7.97
C GLN A 412 30.53 -16.60 7.60
N LEU A 413 29.84 -17.70 7.94
CA LEU A 413 28.39 -17.85 7.73
C LEU A 413 27.56 -16.77 8.41
N GLU A 414 27.88 -16.49 9.66
CA GLU A 414 27.17 -15.50 10.47
C GLU A 414 27.31 -14.08 9.94
N ALA A 415 28.50 -13.76 9.42
CA ALA A 415 28.72 -12.46 8.80
C ALA A 415 27.86 -12.34 7.54
N ILE A 416 27.65 -13.45 6.84
CA ILE A 416 26.73 -13.44 5.71
C ILE A 416 25.28 -13.18 6.15
N ILE A 417 24.79 -13.96 7.12
CA ILE A 417 23.41 -13.86 7.62
C ILE A 417 23.05 -12.48 8.20
N ALA A 418 24.05 -11.77 8.69
CA ALA A 418 23.76 -10.52 9.39
C ALA A 418 23.61 -9.36 8.42
N THR A 419 24.06 -9.56 7.19
CA THR A 419 24.01 -8.50 6.19
C THR A 419 22.59 -8.20 5.73
N ASP A 420 22.45 -7.03 5.11
CA ASP A 420 21.17 -6.52 4.65
C ASP A 420 20.59 -7.29 3.43
N PRO A 421 19.25 -7.19 3.22
CA PRO A 421 18.46 -7.84 2.15
C PRO A 421 18.90 -7.52 0.73
N LEU A 422 19.58 -6.40 0.53
CA LEU A 422 20.01 -6.02 -0.82
C LEU A 422 21.40 -6.43 -1.19
N ASN A 423 22.07 -7.00 -0.18
CA ASN A 423 23.42 -7.56 -0.35
C ASN A 423 23.46 -8.78 -1.28
N PRO A 424 24.31 -8.75 -2.32
CA PRO A 424 24.36 -9.84 -3.32
C PRO A 424 25.06 -11.09 -2.73
N LEU A 425 24.57 -12.27 -3.12
CA LEU A 425 25.24 -13.50 -2.73
C LEU A 425 26.21 -13.91 -3.81
N THR A 426 27.45 -14.16 -3.39
CA THR A 426 28.43 -14.72 -4.31
C THR A 426 28.23 -16.22 -4.46
N ALA A 427 28.88 -16.81 -5.46
CA ALA A 427 28.83 -18.25 -5.64
C ALA A 427 29.33 -18.97 -4.38
N GLU A 428 30.36 -18.40 -3.76
CA GLU A 428 30.90 -18.97 -2.54
C GLU A 428 29.88 -18.86 -1.40
N ASP A 429 29.17 -17.73 -1.31
CA ASP A 429 28.18 -17.57 -0.25
C ASP A 429 27.06 -18.60 -0.35
N LYS A 430 26.53 -18.81 -1.56
CA LYS A 430 25.44 -19.77 -1.75
C LYS A 430 25.88 -21.20 -1.49
N GLU A 431 27.10 -21.53 -1.89
CA GLU A 431 27.59 -22.88 -1.67
C GLU A 431 27.73 -23.13 -0.17
N LEU A 432 28.24 -22.13 0.55
CA LEU A 432 28.35 -22.19 2.01
C LEU A 432 27.01 -22.34 2.72
N LEU A 433 26.08 -21.45 2.37
CA LEU A 433 24.72 -21.46 2.88
C LEU A 433 24.10 -22.84 2.72
N TRP A 434 24.17 -23.38 1.50
CA TRP A 434 23.60 -24.67 1.17
C TRP A 434 24.22 -25.89 1.81
N HIS A 435 25.54 -26.00 1.70
CA HIS A 435 26.29 -27.08 2.30
C HIS A 435 25.94 -27.18 3.79
N PHE A 436 25.82 -26.02 4.42
CA PHE A 436 25.52 -25.94 5.84
C PHE A 436 24.06 -25.54 6.09
N ARG A 437 23.17 -26.11 5.29
CA ARG A 437 21.76 -25.74 5.33
C ARG A 437 21.11 -26.02 6.67
N TYR A 438 21.47 -27.16 7.26
CA TYR A 438 20.89 -27.55 8.53
C TYR A 438 21.24 -26.61 9.67
N GLU A 439 22.43 -26.06 9.60
CA GLU A 439 22.81 -25.06 10.56
C GLU A 439 22.12 -23.73 10.24
N SER A 440 21.97 -23.46 8.96
CA SER A 440 21.32 -22.24 8.49
C SER A 440 19.85 -22.18 8.90
N LEU A 441 19.19 -23.33 8.93
CA LEU A 441 17.77 -23.40 9.28
C LEU A 441 17.44 -22.93 10.69
N LYS A 442 18.46 -22.85 11.54
CA LYS A 442 18.29 -22.43 12.92
C LYS A 442 18.21 -20.91 13.02
N HIS A 443 18.56 -20.24 11.92
CA HIS A 443 18.50 -18.79 11.93
C HIS A 443 17.40 -18.23 10.99
N PRO A 444 16.25 -17.84 11.54
CA PRO A 444 15.16 -17.24 10.77
C PRO A 444 15.58 -16.13 9.79
N LYS A 445 16.54 -15.31 10.22
CA LYS A 445 17.01 -14.19 9.41
C LYS A 445 17.81 -14.62 8.19
N ALA A 446 18.30 -15.84 8.22
CA ALA A 446 19.04 -16.42 7.11
C ALA A 446 18.15 -16.91 5.97
N TYR A 447 16.87 -17.07 6.24
CA TYR A 447 15.97 -17.78 5.34
C TYR A 447 15.97 -17.25 3.88
N PRO A 448 15.82 -15.92 3.69
CA PRO A 448 15.82 -15.41 2.32
C PRO A 448 17.11 -15.74 1.57
N LYS A 449 18.28 -15.50 2.14
CA LYS A 449 19.54 -15.79 1.48
C LYS A 449 19.68 -17.31 1.32
N LEU A 450 19.30 -18.08 2.36
CA LEU A 450 19.41 -19.54 2.24
C LEU A 450 18.59 -20.08 1.08
N PHE A 451 17.36 -19.59 0.94
CA PHE A 451 16.51 -20.06 -0.14
C PHE A 451 16.83 -19.47 -1.52
N SER A 452 17.68 -18.44 -1.54
CA SER A 452 18.29 -17.96 -2.78
C SER A 452 19.49 -18.78 -3.20
N SER A 453 19.94 -19.66 -2.31
CA SER A 453 21.10 -20.51 -2.54
C SER A 453 20.71 -21.87 -3.12
N VAL A 454 19.42 -22.04 -3.33
CA VAL A 454 18.85 -23.30 -3.80
C VAL A 454 19.00 -23.39 -5.31
N LYS A 455 19.46 -24.54 -5.81
CA LYS A 455 19.48 -24.73 -7.25
C LYS A 455 18.08 -25.18 -7.65
N TRP A 456 17.24 -24.20 -7.96
CA TRP A 456 15.85 -24.50 -8.25
C TRP A 456 15.68 -25.27 -9.55
N GLY A 457 16.71 -25.25 -10.38
CA GLY A 457 16.69 -25.98 -11.63
C GLY A 457 17.16 -27.41 -11.53
N GLN A 458 17.36 -27.90 -10.30
CA GLN A 458 17.74 -29.27 -10.07
C GLN A 458 16.73 -29.93 -9.14
N GLN A 459 16.03 -30.93 -9.66
CA GLN A 459 14.97 -31.62 -8.93
C GLN A 459 15.43 -32.24 -7.61
N GLU A 460 16.65 -32.75 -7.55
CA GLU A 460 17.13 -33.41 -6.35
C GLU A 460 17.41 -32.42 -5.23
N ILE A 461 17.95 -31.27 -5.60
CA ILE A 461 18.17 -30.18 -4.66
C ILE A 461 16.84 -29.65 -4.10
N VAL A 462 15.88 -29.37 -4.99
CA VAL A 462 14.57 -28.90 -4.55
C VAL A 462 13.95 -29.91 -3.58
N ALA A 463 14.10 -31.20 -3.91
CA ALA A 463 13.60 -32.27 -3.07
C ALA A 463 14.25 -32.19 -1.69
N LYS A 464 15.56 -31.94 -1.67
CA LYS A 464 16.32 -31.79 -0.43
C LYS A 464 15.87 -30.56 0.33
N THR A 465 15.48 -29.55 -0.43
CA THR A 465 15.01 -28.29 0.12
C THR A 465 13.70 -28.48 0.86
N TYR A 466 12.83 -29.31 0.30
CA TYR A 466 11.58 -29.70 0.93
C TYR A 466 11.81 -30.52 2.20
N GLN A 467 12.89 -31.28 2.17
CA GLN A 467 13.32 -32.07 3.31
C GLN A 467 13.75 -31.22 4.51
N LEU A 468 14.42 -30.13 4.19
CA LEU A 468 14.78 -29.06 5.11
C LEU A 468 13.57 -28.48 5.83
N LEU A 469 12.60 -28.07 5.02
CA LEU A 469 11.37 -27.42 5.45
C LEU A 469 10.47 -28.23 6.40
N ALA A 470 10.53 -29.56 6.37
CA ALA A 470 9.69 -30.39 7.26
C ALA A 470 10.09 -30.37 8.75
N ARG A 471 11.32 -29.93 9.01
CA ARG A 471 11.93 -29.72 10.33
C ARG A 471 11.93 -28.22 10.59
N ARG A 472 10.74 -27.64 10.57
CA ARG A 472 10.56 -26.20 10.73
C ARG A 472 10.13 -25.87 12.14
N GLU A 473 10.81 -26.51 13.08
CA GLU A 473 10.62 -26.22 14.48
C GLU A 473 11.14 -24.81 14.81
N VAL A 474 12.34 -24.47 14.34
CA VAL A 474 12.87 -23.14 14.62
C VAL A 474 12.12 -21.96 13.98
N TRP A 475 11.58 -22.19 12.79
CA TRP A 475 10.81 -21.17 12.09
C TRP A 475 9.44 -20.97 12.75
N ASP A 476 8.80 -22.08 13.15
CA ASP A 476 7.43 -22.01 13.67
C ASP A 476 7.31 -21.45 15.08
N GLN A 477 8.40 -21.47 15.84
CA GLN A 477 8.44 -20.94 17.20
C GLN A 477 8.98 -19.51 17.28
N SER A 478 9.63 -19.05 16.21
CA SER A 478 10.25 -17.74 16.19
C SER A 478 9.24 -16.60 16.17
N ALA A 479 9.64 -15.47 16.75
CA ALA A 479 8.76 -14.33 16.75
C ALA A 479 8.62 -13.79 15.35
N LEU A 480 7.38 -13.44 15.03
CA LEU A 480 7.02 -12.83 13.76
C LEU A 480 7.94 -11.67 13.44
N ASP A 481 8.57 -11.71 12.27
CA ASP A 481 9.39 -10.61 11.81
C ASP A 481 8.86 -10.27 10.44
N VAL A 482 8.03 -9.23 10.41
CA VAL A 482 7.27 -8.90 9.20
C VAL A 482 8.21 -8.58 8.05
N GLY A 483 9.28 -7.85 8.36
CA GLY A 483 10.28 -7.53 7.36
C GLY A 483 10.79 -8.83 6.75
N LEU A 484 11.10 -9.79 7.62
CA LEU A 484 11.61 -11.09 7.22
C LEU A 484 10.57 -11.87 6.43
N THR A 485 9.36 -11.91 6.94
CA THR A 485 8.26 -12.57 6.25
C THR A 485 8.05 -12.00 4.85
N MET A 486 8.04 -10.67 4.75
CA MET A 486 7.84 -9.99 3.47
C MET A 486 8.92 -10.33 2.45
N GLN A 487 10.15 -10.53 2.91
CA GLN A 487 11.25 -10.83 1.99
C GLN A 487 11.06 -12.14 1.26
N LEU A 488 10.27 -13.04 1.86
CA LEU A 488 9.97 -14.34 1.24
C LEU A 488 8.80 -14.29 0.25
N LEU A 489 8.08 -13.18 0.24
CA LEU A 489 6.93 -13.01 -0.66
C LEU A 489 7.18 -12.10 -1.86
N ASP A 490 8.44 -11.73 -2.07
CA ASP A 490 8.78 -10.85 -3.18
C ASP A 490 9.10 -11.62 -4.47
N CYS A 491 9.69 -10.93 -5.44
CA CYS A 491 9.89 -11.51 -6.76
C CYS A 491 10.98 -12.56 -6.82
N ASN A 492 11.71 -12.70 -5.73
CA ASN A 492 12.81 -13.65 -5.71
C ASN A 492 12.39 -15.06 -5.38
N PHE A 493 11.13 -15.24 -5.00
CA PHE A 493 10.70 -16.57 -4.59
C PHE A 493 9.45 -16.99 -5.37
N SER A 494 9.60 -18.05 -6.16
CA SER A 494 8.53 -18.61 -6.98
C SER A 494 8.02 -19.94 -6.45
N ASP A 495 8.75 -20.50 -5.49
CA ASP A 495 8.41 -21.78 -4.90
C ASP A 495 7.27 -21.62 -3.91
N GLU A 496 6.21 -22.40 -4.10
CA GLU A 496 4.99 -22.17 -3.32
C GLU A 496 5.08 -22.62 -1.88
N ASN A 497 5.93 -23.61 -1.62
CA ASN A 497 6.21 -24.04 -0.26
C ASN A 497 6.96 -23.00 0.57
N VAL A 498 7.91 -22.33 -0.08
CA VAL A 498 8.66 -21.25 0.56
C VAL A 498 7.77 -20.07 0.87
N ARG A 499 6.93 -19.69 -0.09
CA ARG A 499 6.09 -18.52 0.05
C ARG A 499 5.05 -18.82 1.13
N ALA A 500 4.71 -20.10 1.25
CA ALA A 500 3.69 -20.56 2.20
C ALA A 500 4.12 -20.45 3.66
N ILE A 501 5.39 -20.68 3.98
CA ILE A 501 5.84 -20.56 5.37
C ILE A 501 5.88 -19.13 5.85
N ALA A 502 5.96 -18.19 4.91
CA ALA A 502 5.88 -16.78 5.21
C ALA A 502 4.44 -16.40 5.58
N VAL A 503 3.49 -16.87 4.79
CA VAL A 503 2.07 -16.59 4.98
C VAL A 503 1.60 -17.13 6.32
N GLN A 504 2.11 -18.32 6.61
CA GLN A 504 1.91 -19.02 7.88
C GLN A 504 2.21 -18.14 9.11
N LYS A 505 3.27 -17.37 8.98
CA LYS A 505 3.67 -16.41 9.98
C LYS A 505 2.72 -15.23 10.07
N LEU A 506 2.19 -14.86 8.92
CA LEU A 506 1.26 -13.75 8.82
C LEU A 506 -0.03 -14.06 9.54
N GLU A 507 -0.31 -15.36 9.66
CA GLU A 507 -1.53 -15.82 10.30
C GLU A 507 -1.67 -15.22 11.69
N SER A 508 -0.55 -15.01 12.37
CA SER A 508 -0.61 -14.54 13.74
C SER A 508 -0.70 -13.03 13.85
N LEU A 509 -0.67 -12.33 12.72
CA LEU A 509 -0.88 -10.89 12.75
C LEU A 509 -2.30 -10.63 13.22
N GLU A 510 -2.47 -9.62 14.07
CA GLU A 510 -3.79 -9.22 14.47
C GLU A 510 -4.27 -8.17 13.47
N ASP A 511 -5.58 -7.96 13.42
CA ASP A 511 -6.22 -7.05 12.49
C ASP A 511 -5.45 -5.73 12.43
N ASP A 512 -5.06 -5.22 13.59
CA ASP A 512 -4.44 -3.92 13.66
C ASP A 512 -3.18 -3.87 12.82
N ASP A 513 -2.45 -4.96 12.83
CA ASP A 513 -1.21 -5.09 12.09
C ASP A 513 -1.44 -5.47 10.61
N VAL A 514 -2.50 -6.24 10.36
CA VAL A 514 -2.86 -6.61 8.98
C VAL A 514 -3.23 -5.39 8.16
N LEU A 515 -3.87 -4.42 8.79
CA LEU A 515 -4.19 -3.15 8.13
C LEU A 515 -2.90 -2.41 7.76
N HIS A 516 -2.01 -2.25 8.73
CA HIS A 516 -0.70 -1.62 8.50
C HIS A 516 -0.02 -2.12 7.22
N TYR A 517 -0.15 -3.41 6.94
CA TYR A 517 0.65 -4.03 5.89
C TYR A 517 -0.18 -4.48 4.68
N LEU A 518 -1.47 -4.17 4.70
CA LEU A 518 -2.42 -4.72 3.73
C LEU A 518 -2.13 -4.35 2.29
N LEU A 519 -1.91 -3.06 2.07
CA LEU A 519 -1.61 -2.48 0.77
C LEU A 519 -0.49 -3.24 0.10
N GLN A 520 0.59 -3.45 0.85
CA GLN A 520 1.78 -4.09 0.33
C GLN A 520 1.67 -5.61 0.20
N LEU A 521 0.80 -6.20 1.01
CA LEU A 521 0.40 -7.61 0.89
C LEU A 521 -0.36 -7.89 -0.39
N VAL A 522 -1.27 -6.97 -0.70
CA VAL A 522 -2.06 -7.00 -1.93
C VAL A 522 -1.17 -6.85 -3.16
N GLN A 523 -0.25 -5.88 -3.10
CA GLN A 523 0.71 -5.68 -4.17
C GLN A 523 1.55 -6.94 -4.37
N ALA A 524 1.79 -7.66 -3.28
CA ALA A 524 2.68 -8.83 -3.29
C ALA A 524 2.11 -10.03 -4.02
N VAL A 525 0.81 -9.98 -4.33
CA VAL A 525 0.15 -11.01 -5.12
C VAL A 525 0.72 -11.09 -6.53
N LYS A 526 1.26 -9.96 -6.99
CA LYS A 526 1.89 -9.87 -8.29
C LYS A 526 3.13 -10.75 -8.42
N PHE A 527 3.65 -11.19 -7.27
CA PHE A 527 4.85 -12.00 -7.27
C PHE A 527 4.49 -13.47 -7.17
N GLU A 528 3.18 -13.74 -7.17
CA GLU A 528 2.68 -15.10 -7.09
C GLU A 528 2.66 -15.70 -8.50
N PRO A 529 3.27 -16.88 -8.65
CA PRO A 529 3.22 -17.59 -9.94
C PRO A 529 1.79 -17.92 -10.33
N TYR A 530 0.98 -18.29 -9.35
CA TYR A 530 -0.38 -18.78 -9.58
C TYR A 530 -1.48 -17.89 -9.00
N HIS A 531 -2.65 -17.90 -9.64
CA HIS A 531 -3.76 -17.06 -9.19
C HIS A 531 -4.25 -17.46 -7.80
N ASP A 532 -4.42 -18.76 -7.60
CA ASP A 532 -4.71 -19.30 -6.27
C ASP A 532 -3.42 -19.51 -5.53
N SER A 533 -3.25 -18.77 -4.44
CA SER A 533 -2.05 -18.90 -3.62
C SER A 533 -2.43 -18.78 -2.15
N ALA A 534 -1.54 -19.24 -1.27
CA ALA A 534 -1.72 -19.07 0.16
C ALA A 534 -1.93 -17.60 0.52
N LEU A 535 -1.10 -16.74 -0.06
CA LEU A 535 -1.18 -15.30 0.20
C LEU A 535 -2.56 -14.79 -0.18
N ALA A 536 -3.01 -15.21 -1.36
CA ALA A 536 -4.32 -14.80 -1.86
C ALA A 536 -5.42 -15.27 -0.93
N ARG A 537 -5.39 -16.53 -0.55
CA ARG A 537 -6.39 -17.02 0.37
C ARG A 537 -6.32 -16.31 1.70
N PHE A 538 -5.12 -15.94 2.16
CA PHE A 538 -4.97 -15.22 3.43
C PHE A 538 -5.70 -13.89 3.44
N LEU A 539 -5.40 -13.08 2.43
CA LEU A 539 -6.07 -11.81 2.20
C LEU A 539 -7.59 -12.01 2.17
N LEU A 540 -8.01 -13.04 1.44
CA LEU A 540 -9.42 -13.39 1.30
C LEU A 540 -10.04 -13.65 2.68
N LYS A 541 -9.37 -14.46 3.50
CA LYS A 541 -9.87 -14.83 4.82
C LYS A 541 -10.00 -13.63 5.76
N ARG A 542 -8.95 -12.81 5.78
CA ARG A 542 -8.89 -11.68 6.70
C ARG A 542 -9.85 -10.56 6.35
N GLY A 543 -10.19 -10.43 5.07
CA GLY A 543 -11.17 -9.46 4.62
C GLY A 543 -12.58 -9.86 5.01
N LEU A 544 -12.85 -11.17 4.95
CA LEU A 544 -14.17 -11.69 5.28
C LEU A 544 -14.43 -11.76 6.77
N ARG A 545 -13.36 -11.67 7.55
CA ARG A 545 -13.44 -11.76 8.99
C ARG A 545 -13.66 -10.37 9.60
N ASN A 546 -13.17 -9.32 8.94
CA ASN A 546 -13.23 -7.97 9.51
C ASN A 546 -13.66 -6.94 8.46
N LYS A 547 -14.80 -6.28 8.68
CA LYS A 547 -15.31 -5.29 7.73
C LYS A 547 -14.29 -4.19 7.40
N ARG A 548 -13.56 -3.67 8.39
CA ARG A 548 -12.58 -2.63 8.09
C ARG A 548 -11.51 -3.16 7.14
N ILE A 549 -11.01 -4.36 7.42
CA ILE A 549 -10.05 -4.96 6.51
C ILE A 549 -10.71 -5.22 5.18
N GLY A 550 -11.96 -5.67 5.20
CA GLY A 550 -12.67 -5.96 3.98
C GLY A 550 -12.93 -4.74 3.12
N HIS A 551 -13.28 -3.63 3.75
CA HIS A 551 -13.55 -2.38 3.04
C HIS A 551 -12.30 -1.96 2.26
N PHE A 552 -11.18 -1.91 2.97
CA PHE A 552 -9.89 -1.53 2.38
C PHE A 552 -9.35 -2.54 1.35
N LEU A 553 -9.62 -3.82 1.58
CA LEU A 553 -9.24 -4.86 0.64
C LEU A 553 -9.92 -4.60 -0.70
N PHE A 554 -11.23 -4.39 -0.63
CA PHE A 554 -12.07 -4.03 -1.77
C PHE A 554 -11.52 -2.89 -2.65
N TRP A 555 -11.22 -1.76 -2.02
CA TRP A 555 -10.73 -0.58 -2.73
C TRP A 555 -9.31 -0.74 -3.31
N PHE A 556 -8.45 -1.43 -2.55
CA PHE A 556 -7.10 -1.75 -3.00
C PHE A 556 -7.12 -2.61 -4.26
N LEU A 557 -7.95 -3.63 -4.22
CA LEU A 557 -8.11 -4.51 -5.36
C LEU A 557 -8.67 -3.80 -6.57
N ARG A 558 -9.85 -3.24 -6.35
CA ARG A 558 -10.53 -2.47 -7.37
C ARG A 558 -9.55 -1.40 -7.97
N SER A 559 -8.66 -0.80 -7.16
CA SER A 559 -7.63 0.13 -7.70
C SER A 559 -6.74 -0.48 -8.80
N GLU A 560 -6.29 -1.72 -8.60
CA GLU A 560 -5.42 -2.37 -9.57
C GLU A 560 -6.22 -2.90 -10.76
N ILE A 561 -7.44 -3.36 -10.48
CA ILE A 561 -8.34 -3.89 -11.53
C ILE A 561 -8.66 -2.80 -12.55
N ALA A 562 -8.59 -1.54 -12.14
CA ALA A 562 -9.03 -0.45 -13.00
C ALA A 562 -7.89 0.16 -13.82
N GLN A 563 -6.65 -0.14 -13.47
CA GLN A 563 -5.51 0.37 -14.25
C GLN A 563 -4.43 -0.64 -14.54
N SER A 564 -4.71 -1.91 -14.29
CA SER A 564 -3.70 -2.93 -14.55
C SER A 564 -4.21 -4.06 -15.38
N ARG A 565 -3.94 -3.96 -16.66
CA ARG A 565 -4.23 -5.01 -17.59
C ARG A 565 -3.42 -6.26 -17.26
N HIS A 566 -2.20 -6.06 -16.76
CA HIS A 566 -1.31 -7.16 -16.35
C HIS A 566 -1.83 -8.09 -15.26
N TYR A 567 -2.63 -7.56 -14.34
CA TYR A 567 -3.03 -8.34 -13.17
C TYR A 567 -4.50 -8.20 -12.79
N GLN A 568 -5.25 -7.37 -13.52
CA GLN A 568 -6.66 -7.10 -13.20
C GLN A 568 -7.47 -8.38 -13.17
N GLN A 569 -7.10 -9.29 -14.06
CA GLN A 569 -7.78 -10.56 -14.22
C GLN A 569 -7.71 -11.40 -12.95
N ARG A 570 -6.51 -11.51 -12.40
CA ARG A 570 -6.26 -12.25 -11.18
C ARG A 570 -7.00 -11.63 -9.99
N PHE A 571 -6.77 -10.33 -9.79
CA PHE A 571 -7.38 -9.57 -8.70
C PHE A 571 -8.90 -9.65 -8.72
N ALA A 572 -9.46 -9.64 -9.93
CA ALA A 572 -10.91 -9.62 -10.07
C ALA A 572 -11.46 -10.95 -9.57
N VAL A 573 -10.73 -12.03 -9.85
CA VAL A 573 -11.10 -13.33 -9.30
C VAL A 573 -11.07 -13.28 -7.77
N ILE A 574 -10.06 -12.61 -7.23
CA ILE A 574 -9.93 -12.44 -5.78
C ILE A 574 -10.99 -11.50 -5.20
N LEU A 575 -11.31 -10.42 -5.92
CA LEU A 575 -12.28 -9.45 -5.44
C LEU A 575 -13.67 -10.06 -5.43
N GLU A 576 -13.92 -10.90 -6.43
CA GLU A 576 -15.21 -11.57 -6.55
C GLU A 576 -15.41 -12.50 -5.37
N ALA A 577 -14.39 -13.30 -5.09
CA ALA A 577 -14.41 -14.19 -3.94
C ALA A 577 -14.70 -13.43 -2.65
N TYR A 578 -14.15 -12.24 -2.49
CA TYR A 578 -14.43 -11.47 -1.28
C TYR A 578 -15.88 -10.97 -1.22
N LEU A 579 -16.37 -10.42 -2.34
CA LEU A 579 -17.72 -9.85 -2.40
C LEU A 579 -18.82 -10.90 -2.25
N ARG A 580 -18.49 -12.16 -2.47
CA ARG A 580 -19.47 -13.23 -2.36
C ARG A 580 -19.61 -13.71 -0.92
N GLY A 581 -18.91 -13.04 -0.01
CA GLY A 581 -18.95 -13.42 1.39
C GLY A 581 -19.04 -12.25 2.36
N CYS A 582 -18.80 -11.04 1.89
CA CYS A 582 -18.86 -9.89 2.78
C CYS A 582 -20.27 -9.62 3.28
N GLY A 583 -21.26 -10.12 2.55
CA GLY A 583 -22.64 -9.96 2.99
C GLY A 583 -23.36 -8.79 2.34
N THR A 584 -24.69 -8.87 2.33
CA THR A 584 -25.56 -7.93 1.65
C THR A 584 -25.35 -6.45 2.00
N ALA A 585 -25.31 -6.15 3.30
CA ALA A 585 -25.19 -4.77 3.78
C ALA A 585 -24.01 -4.00 3.19
N MET A 586 -22.86 -4.65 3.16
CA MET A 586 -21.64 -4.08 2.58
C MET A 586 -21.74 -3.90 1.06
N LEU A 587 -22.27 -4.92 0.39
CA LEU A 587 -22.53 -4.87 -1.04
C LEU A 587 -23.20 -3.54 -1.38
N HIS A 588 -24.22 -3.20 -0.62
CA HIS A 588 -24.97 -1.97 -0.84
C HIS A 588 -24.05 -0.76 -0.59
N ASP A 589 -23.32 -0.77 0.53
CA ASP A 589 -22.41 0.32 0.86
C ASP A 589 -21.36 0.56 -0.22
N PHE A 590 -20.85 -0.54 -0.74
CA PHE A 590 -19.87 -0.54 -1.83
C PHE A 590 -20.48 0.06 -3.10
N THR A 591 -21.68 -0.42 -3.41
CA THR A 591 -22.43 0.03 -4.57
C THR A 591 -22.62 1.53 -4.55
N GLN A 592 -23.01 2.02 -3.38
CA GLN A 592 -23.18 3.43 -3.13
C GLN A 592 -21.89 4.17 -3.44
N GLN A 593 -20.81 3.69 -2.84
CA GLN A 593 -19.49 4.29 -2.99
C GLN A 593 -19.05 4.30 -4.47
N VAL A 594 -19.30 3.20 -5.17
CA VAL A 594 -18.84 3.08 -6.56
C VAL A 594 -19.58 4.03 -7.50
N GLN A 595 -20.87 4.15 -7.29
CA GLN A 595 -21.69 5.10 -8.04
C GLN A 595 -21.16 6.50 -7.87
N VAL A 596 -20.92 6.85 -6.61
CA VAL A 596 -20.39 8.14 -6.24
C VAL A 596 -19.06 8.35 -6.92
N ILE A 597 -18.14 7.39 -6.84
CA ILE A 597 -16.84 7.64 -7.45
C ILE A 597 -16.91 7.74 -8.96
N GLU A 598 -17.75 6.91 -9.57
CA GLU A 598 -17.94 6.94 -11.02
C GLU A 598 -18.60 8.22 -11.53
N MET A 599 -19.45 8.83 -10.72
CA MET A 599 -20.11 10.06 -11.12
C MET A 599 -19.18 11.25 -10.94
N LEU A 600 -18.53 11.32 -9.79
CA LEU A 600 -17.63 12.44 -9.51
C LEU A 600 -16.41 12.45 -10.45
N GLN A 601 -15.93 11.27 -10.83
CA GLN A 601 -14.81 11.13 -11.76
C GLN A 601 -15.23 11.72 -13.09
N LYS A 602 -16.44 11.39 -13.54
CA LYS A 602 -16.93 11.88 -14.81
C LYS A 602 -16.89 13.40 -14.74
N VAL A 603 -17.39 13.96 -13.63
CA VAL A 603 -17.34 15.40 -13.43
C VAL A 603 -15.89 15.93 -13.47
N THR A 604 -14.98 15.21 -12.81
CA THR A 604 -13.58 15.61 -12.73
C THR A 604 -12.89 15.77 -14.09
N LEU A 605 -13.03 14.76 -14.94
CA LEU A 605 -12.45 14.80 -16.28
C LEU A 605 -13.04 15.92 -17.11
N ASP A 606 -14.37 16.00 -17.11
CA ASP A 606 -15.10 17.02 -17.85
C ASP A 606 -14.65 18.42 -17.48
N ILE A 607 -14.34 18.62 -16.21
CA ILE A 607 -13.90 19.94 -15.76
C ILE A 607 -12.49 20.25 -16.22
N LYS A 608 -11.61 19.26 -16.18
CA LYS A 608 -10.22 19.51 -16.59
C LYS A 608 -10.08 19.94 -18.05
N SER A 609 -10.83 19.32 -18.94
CA SER A 609 -10.70 19.67 -20.33
C SER A 609 -11.47 20.95 -20.56
N LEU A 610 -11.07 22.00 -19.82
CA LEU A 610 -11.56 23.34 -20.12
C LEU A 610 -10.52 24.45 -20.18
N SER A 611 -9.30 24.19 -19.70
CA SER A 611 -8.28 25.23 -19.67
C SER A 611 -6.90 24.74 -19.27
N ALA A 612 -5.97 25.68 -19.15
CA ALA A 612 -4.67 25.46 -18.53
C ALA A 612 -4.10 26.81 -18.11
N ASP A 616 -5.69 29.89 -15.87
CA ASP A 616 -5.19 30.14 -14.53
C ASP A 616 -6.31 30.09 -13.48
N VAL A 617 -7.50 30.52 -13.87
CA VAL A 617 -8.66 30.57 -12.98
C VAL A 617 -9.88 31.02 -13.77
N SER A 618 -11.08 30.64 -13.34
CA SER A 618 -12.26 31.03 -14.09
C SER A 618 -13.60 31.01 -13.35
N SER A 619 -14.17 32.20 -13.16
CA SER A 619 -15.45 32.36 -12.48
C SER A 619 -16.40 31.41 -13.22
N GLN A 620 -16.15 31.31 -14.52
CA GLN A 620 -16.88 30.50 -15.50
C GLN A 620 -16.88 29.01 -15.23
N VAL A 621 -15.70 28.46 -14.96
CA VAL A 621 -15.51 27.03 -14.67
C VAL A 621 -16.03 26.59 -13.30
N ILE A 622 -15.95 27.49 -12.34
CA ILE A 622 -16.49 27.27 -11.01
C ILE A 622 -18.02 27.15 -11.18
N SER A 623 -18.60 28.05 -11.99
CA SER A 623 -20.05 28.05 -12.23
C SER A 623 -20.45 26.73 -12.92
N GLN A 624 -19.65 26.22 -13.85
CA GLN A 624 -19.93 24.93 -14.50
C GLN A 624 -19.94 23.77 -13.52
N LEU A 625 -18.96 23.78 -12.63
CA LEU A 625 -18.81 22.75 -11.59
C LEU A 625 -20.08 22.62 -10.75
N LYS A 626 -20.47 23.72 -10.13
CA LYS A 626 -21.64 23.77 -9.26
C LYS A 626 -22.90 23.28 -10.01
N GLN A 627 -23.04 23.69 -11.27
CA GLN A 627 -24.15 23.28 -12.11
C GLN A 627 -24.18 21.76 -12.27
N LYS A 628 -23.02 21.21 -12.61
CA LYS A 628 -22.84 19.78 -12.77
C LYS A 628 -23.23 19.07 -11.48
N LEU A 629 -22.80 19.65 -10.36
CA LEU A 629 -23.10 19.09 -9.05
C LEU A 629 -24.58 19.15 -8.71
N GLU A 630 -25.25 20.18 -9.23
CA GLU A 630 -26.69 20.33 -9.05
C GLU A 630 -27.37 19.20 -9.81
N ASN A 631 -26.96 18.96 -11.05
CA ASN A 631 -27.58 17.88 -11.81
C ASN A 631 -27.44 16.55 -11.06
N LEU A 632 -26.22 16.23 -10.68
CA LEU A 632 -25.89 15.04 -9.88
C LEU A 632 -26.68 14.87 -8.57
N GLN A 633 -26.69 15.90 -7.72
CA GLN A 633 -27.32 15.80 -6.40
C GLN A 633 -28.80 15.48 -6.47
N ASN A 634 -29.42 15.89 -7.58
CA ASN A 634 -30.81 15.63 -7.87
C ASN A 634 -31.01 15.80 -9.36
N SER A 635 -30.87 14.72 -10.12
CA SER A 635 -30.68 13.36 -9.59
C SER A 635 -29.84 12.55 -10.59
N GLN A 636 -29.23 11.41 -10.20
CA GLN A 636 -29.32 10.81 -8.87
C GLN A 636 -28.03 10.11 -8.42
N LEU A 637 -27.68 10.38 -7.16
CA LEU A 637 -26.46 9.95 -6.47
C LEU A 637 -26.96 9.50 -5.09
N PRO A 638 -26.48 8.34 -4.61
CA PRO A 638 -26.82 7.74 -3.31
C PRO A 638 -26.91 8.79 -2.23
N GLU A 639 -27.87 8.62 -1.32
CA GLU A 639 -28.10 9.70 -0.38
C GLU A 639 -27.19 9.79 0.82
N SER A 640 -26.26 8.87 0.86
CA SER A 640 -25.20 8.89 1.80
C SER A 640 -24.26 7.92 1.16
N PHE A 641 -22.99 7.99 1.50
CA PHE A 641 -22.03 6.98 1.08
C PHE A 641 -20.86 7.04 2.02
N ARG A 642 -20.30 5.88 2.32
CA ARG A 642 -19.16 5.83 3.21
C ARG A 642 -17.95 6.36 2.52
N VAL A 643 -17.14 7.08 3.30
CA VAL A 643 -15.92 7.62 2.79
C VAL A 643 -14.88 6.53 2.68
N PRO A 644 -14.49 6.22 1.43
CA PRO A 644 -13.64 5.09 1.06
C PRO A 644 -12.30 5.08 1.80
N TYR A 645 -11.83 6.24 2.24
CA TYR A 645 -10.58 6.26 2.99
C TYR A 645 -10.84 6.36 4.49
N ASP A 646 -12.08 6.60 4.87
CA ASP A 646 -12.44 6.62 6.29
C ASP A 646 -13.81 5.97 6.45
N PRO A 647 -13.89 4.64 6.30
CA PRO A 647 -15.12 3.84 6.26
C PRO A 647 -16.12 4.16 7.39
N GLY A 648 -15.63 4.30 8.62
CA GLY A 648 -16.47 4.65 9.75
C GLY A 648 -17.27 5.94 9.57
N LEU A 649 -16.82 6.77 8.63
CA LEU A 649 -17.43 8.06 8.36
C LEU A 649 -18.47 7.98 7.25
N LYS A 650 -19.61 8.64 7.43
CA LYS A 650 -20.63 8.61 6.37
C LYS A 650 -20.89 10.00 5.83
N ALA A 651 -20.65 10.16 4.54
CA ALA A 651 -20.88 11.41 3.84
C ALA A 651 -22.33 11.49 3.39
N GLY A 652 -22.97 12.64 3.61
CA GLY A 652 -24.35 12.78 3.20
C GLY A 652 -24.51 13.47 1.86
N ALA A 653 -25.04 14.69 1.95
CA ALA A 653 -25.34 15.50 0.77
C ALA A 653 -24.21 16.50 0.58
N LEU A 654 -23.95 16.85 -0.68
CA LEU A 654 -22.99 17.89 -1.01
C LEU A 654 -23.37 19.25 -0.43
N ALA A 655 -22.35 20.01 -0.04
CA ALA A 655 -22.54 21.43 0.21
C ALA A 655 -21.97 22.16 -1.00
N ILE A 656 -22.79 22.31 -2.04
CA ILE A 656 -22.35 22.84 -3.34
C ILE A 656 -21.76 24.25 -3.28
N GLU A 657 -22.12 24.96 -2.21
CA GLU A 657 -21.69 26.32 -1.96
C GLU A 657 -20.20 26.36 -1.67
N LYS A 658 -19.73 25.29 -1.03
CA LYS A 658 -18.34 25.20 -0.61
C LYS A 658 -17.44 24.50 -1.63
N CYS A 659 -18.05 23.80 -2.58
CA CYS A 659 -17.32 23.12 -3.64
C CYS A 659 -16.71 24.13 -4.61
N THR A 660 -15.58 23.77 -5.22
CA THR A 660 -14.86 24.65 -6.15
C THR A 660 -13.82 23.89 -6.97
N VAL A 661 -13.23 24.55 -7.97
CA VAL A 661 -12.14 23.95 -8.74
C VAL A 661 -10.80 24.57 -8.37
N MET A 662 -9.88 23.78 -7.88
CA MET A 662 -8.61 24.32 -7.47
C MET A 662 -7.64 24.61 -8.57
N ALA A 663 -6.95 25.69 -8.31
CA ALA A 663 -6.08 26.32 -9.26
C ALA A 663 -4.73 25.74 -9.12
N SER A 664 -4.67 24.42 -9.22
CA SER A 664 -3.45 23.74 -8.89
C SER A 664 -2.75 23.00 -9.95
N LYS A 665 -3.36 22.79 -11.10
CA LYS A 665 -2.59 22.19 -12.17
C LYS A 665 -3.35 21.33 -13.14
N LYS A 666 -4.02 20.34 -12.57
CA LYS A 666 -4.71 19.37 -13.32
C LYS A 666 -6.09 19.67 -13.00
N LYS A 667 -6.29 20.86 -12.51
CA LYS A 667 -7.65 21.29 -12.18
C LYS A 667 -8.41 20.27 -11.30
N PRO A 668 -7.98 20.06 -10.05
CA PRO A 668 -8.62 19.18 -9.06
C PRO A 668 -9.95 19.72 -8.49
N LEU A 669 -10.91 18.84 -8.25
CA LEU A 669 -12.17 19.21 -7.59
C LEU A 669 -12.02 19.25 -6.08
N TRP A 670 -12.34 20.39 -5.46
CA TRP A 670 -12.42 20.47 -4.02
C TRP A 670 -13.86 20.25 -3.57
N LEU A 671 -14.11 19.13 -2.90
CA LEU A 671 -15.49 18.79 -2.57
C LEU A 671 -15.75 18.68 -1.06
N GLU A 672 -16.92 19.15 -0.66
CA GLU A 672 -17.36 19.14 0.74
C GLU A 672 -18.72 18.42 0.85
N PHE A 673 -18.89 17.65 1.93
CA PHE A 673 -20.13 16.92 2.19
C PHE A 673 -20.56 17.16 3.64
N LYS A 674 -21.87 17.10 3.88
CA LYS A 674 -22.39 17.09 5.24
C LYS A 674 -22.24 15.66 5.71
N CYS A 675 -22.21 15.49 7.02
CA CYS A 675 -22.15 14.16 7.63
C CYS A 675 -23.53 13.60 7.70
N ALA A 676 -23.67 12.37 7.23
CA ALA A 676 -24.99 11.76 7.19
C ALA A 676 -25.49 11.45 8.59
N ASP A 677 -24.56 11.25 9.51
CA ASP A 677 -24.91 10.90 10.88
C ASP A 677 -25.30 12.16 11.68
N PRO A 678 -26.57 12.30 12.06
CA PRO A 678 -27.05 13.47 12.82
C PRO A 678 -26.47 13.56 14.24
N THR A 679 -26.09 12.40 14.77
CA THR A 679 -25.50 12.23 16.11
C THR A 679 -24.06 12.73 16.20
N ALA A 680 -23.59 13.29 15.10
CA ALA A 680 -22.27 13.88 14.93
C ALA A 680 -22.16 15.17 15.74
N LEU A 681 -21.16 15.21 16.61
CA LEU A 681 -20.94 16.32 17.52
C LEU A 681 -20.80 17.65 16.74
N SER A 682 -19.65 17.83 16.10
CA SER A 682 -19.33 19.03 15.33
C SER A 682 -20.36 19.34 14.26
N ASN A 683 -20.17 20.46 13.56
CA ASN A 683 -21.05 20.72 12.44
C ASN A 683 -20.24 20.78 11.16
N GLU A 684 -18.95 20.45 11.30
CA GLU A 684 -18.00 20.37 10.22
C GLU A 684 -18.33 19.42 9.07
N THR A 685 -18.05 19.89 7.86
CA THR A 685 -18.24 19.09 6.65
C THR A 685 -17.10 18.08 6.45
N ILE A 686 -17.33 17.13 5.56
CA ILE A 686 -16.32 16.15 5.14
C ILE A 686 -15.68 16.54 3.78
N GLY A 687 -14.40 16.83 3.78
CA GLY A 687 -13.71 17.36 2.60
C GLY A 687 -12.95 16.35 1.75
N ILE A 688 -13.37 16.18 0.49
CA ILE A 688 -12.67 15.28 -0.42
C ILE A 688 -12.19 16.01 -1.69
N ILE A 689 -10.88 15.95 -1.97
CA ILE A 689 -10.31 16.35 -3.26
C ILE A 689 -10.39 15.24 -4.30
N PHE A 690 -10.86 15.56 -5.52
CA PHE A 690 -10.94 14.50 -6.51
C PHE A 690 -10.03 14.87 -7.74
N LYS A 691 -8.95 14.14 -8.04
CA LYS A 691 -8.04 14.68 -9.06
C LYS A 691 -7.53 13.75 -10.17
N HIS A 692 -7.58 14.21 -11.43
CA HIS A 692 -6.91 13.49 -12.50
C HIS A 692 -5.87 14.58 -12.89
N GLY A 693 -4.63 14.29 -13.29
CA GLY A 693 -4.03 12.98 -13.32
C GLY A 693 -2.62 12.81 -12.74
N ASP A 694 -2.57 12.38 -11.49
CA ASP A 694 -1.35 12.07 -10.75
C ASP A 694 -1.53 10.57 -10.65
N ASP A 695 -0.45 9.81 -10.64
CA ASP A 695 -0.60 8.39 -10.37
C ASP A 695 -0.66 8.18 -8.88
N LEU A 696 -1.89 8.35 -8.37
CA LEU A 696 -2.14 8.34 -6.95
C LEU A 696 -1.77 7.01 -6.29
N ARG A 697 -1.50 5.98 -7.10
CA ARG A 697 -1.01 4.73 -6.52
C ARG A 697 0.29 4.98 -5.76
N GLN A 698 1.10 5.87 -6.31
CA GLN A 698 2.38 6.23 -5.70
C GLN A 698 2.11 6.94 -4.38
N ASP A 699 1.22 7.92 -4.43
CA ASP A 699 0.78 8.62 -3.23
C ASP A 699 0.25 7.63 -2.18
N MET A 700 -0.65 6.71 -2.58
CA MET A 700 -1.13 5.68 -1.66
C MET A 700 0.02 4.96 -0.94
N LEU A 701 1.00 4.52 -1.74
CA LEU A 701 2.12 3.75 -1.19
C LEU A 701 3.03 4.53 -0.27
N ILE A 702 3.28 5.78 -0.62
CA ILE A 702 4.11 6.64 0.21
C ILE A 702 3.41 6.88 1.52
N LEU A 703 2.11 7.16 1.45
CA LEU A 703 1.36 7.43 2.66
C LEU A 703 1.22 6.19 3.56
N GLN A 704 1.08 5.01 2.97
CA GLN A 704 1.01 3.82 3.82
C GLN A 704 2.31 3.56 4.55
N ILE A 705 3.44 3.67 3.85
CA ILE A 705 4.72 3.52 4.53
C ILE A 705 4.77 4.56 5.66
N LEU A 706 4.24 5.75 5.40
CA LEU A 706 4.20 6.81 6.42
C LEU A 706 3.46 6.37 7.69
N ARG A 707 2.32 5.69 7.52
CA ARG A 707 1.55 5.14 8.64
C ARG A 707 2.35 4.07 9.39
N ILE A 708 3.20 3.36 8.67
CA ILE A 708 4.03 2.30 9.27
C ILE A 708 5.11 2.92 10.16
N MET A 709 5.71 4.01 9.68
CA MET A 709 6.71 4.76 10.44
C MET A 709 6.09 5.23 11.75
N GLU A 710 4.83 5.64 11.67
CA GLU A 710 4.10 6.06 12.85
C GLU A 710 3.98 4.93 13.85
N SER A 711 3.62 3.75 13.34
CA SER A 711 3.45 2.57 14.17
C SER A 711 4.76 2.13 14.83
N ILE A 712 5.84 2.15 14.04
CA ILE A 712 7.20 1.87 14.51
C ILE A 712 7.56 2.77 15.68
N TRP A 713 7.39 4.07 15.47
CA TRP A 713 7.65 5.09 16.48
C TRP A 713 6.82 4.82 17.72
N GLU A 714 5.60 4.31 17.50
CA GLU A 714 4.72 4.00 18.61
C GLU A 714 5.35 2.99 19.56
N THR A 715 5.99 1.95 19.02
CA THR A 715 6.65 0.93 19.86
C THR A 715 7.75 1.47 20.77
N GLU A 716 8.34 2.57 20.34
CA GLU A 716 9.39 3.29 21.05
C GLU A 716 8.80 4.50 21.75
N SER A 717 7.50 4.47 22.00
CA SER A 717 6.81 5.54 22.72
C SER A 717 6.98 6.95 22.11
N LEU A 718 7.24 7.02 20.80
CA LEU A 718 7.36 8.30 20.09
C LEU A 718 6.14 8.71 19.22
N ASP A 719 5.83 10.01 19.23
CA ASP A 719 4.77 10.62 18.41
C ASP A 719 5.31 11.83 17.64
N LEU A 720 5.98 11.60 16.51
CA LEU A 720 6.29 12.64 15.50
C LEU A 720 5.14 13.29 14.71
N CYS A 721 3.94 13.14 15.19
CA CYS A 721 2.84 13.90 14.66
C CYS A 721 2.71 13.92 13.14
N LEU A 722 2.84 12.78 12.46
CA LEU A 722 2.71 12.73 11.01
C LEU A 722 1.25 12.92 10.68
N LEU A 723 0.93 13.33 9.45
CA LEU A 723 -0.47 13.43 9.10
C LEU A 723 -0.67 12.70 7.76
N PRO A 724 -0.81 11.38 7.83
CA PRO A 724 -1.04 10.60 6.60
C PRO A 724 -2.49 10.59 6.23
N TYR A 725 -2.95 11.64 5.56
CA TYR A 725 -4.34 11.78 5.17
C TYR A 725 -4.75 10.64 4.24
N GLY A 726 -6.03 10.33 4.20
CA GLY A 726 -6.54 9.26 3.36
C GLY A 726 -6.38 9.59 1.88
N CYS A 727 -6.13 8.57 1.07
CA CYS A 727 -5.92 8.74 -0.36
C CYS A 727 -6.17 7.41 -1.03
N ILE A 728 -7.03 7.40 -2.04
CA ILE A 728 -7.32 6.16 -2.74
C ILE A 728 -7.28 6.36 -4.26
N SER A 729 -6.42 5.60 -4.93
CA SER A 729 -6.40 5.58 -6.39
C SER A 729 -7.54 4.70 -6.88
N THR A 730 -8.47 5.28 -7.63
CA THR A 730 -9.68 4.59 -8.04
C THR A 730 -9.55 4.09 -9.48
N GLY A 731 -8.66 4.72 -10.25
CA GLY A 731 -8.47 4.36 -11.65
C GLY A 731 -7.21 4.95 -12.24
N ASP A 732 -7.15 5.05 -13.57
CA ASP A 732 -5.95 5.54 -14.24
C ASP A 732 -5.65 7.00 -13.97
N LYS A 733 -4.67 7.24 -13.09
CA LYS A 733 -4.23 8.59 -12.76
C LYS A 733 -5.38 9.38 -12.11
N ILE A 734 -6.35 8.68 -11.54
CA ILE A 734 -7.49 9.36 -10.94
C ILE A 734 -7.69 8.70 -9.57
N GLY A 735 -8.26 9.44 -8.63
CA GLY A 735 -8.53 8.93 -7.29
C GLY A 735 -8.96 10.06 -6.39
N MET A 736 -9.04 9.80 -5.09
CA MET A 736 -9.51 10.77 -4.11
C MET A 736 -8.46 11.06 -3.06
N ILE A 737 -8.58 12.22 -2.41
CA ILE A 737 -7.61 12.64 -1.41
C ILE A 737 -8.41 13.27 -0.27
N GLU A 738 -8.04 12.95 0.97
CA GLU A 738 -8.70 13.53 2.13
C GLU A 738 -8.31 14.98 2.32
N ILE A 739 -9.29 15.87 2.48
CA ILE A 739 -8.98 17.25 2.87
C ILE A 739 -8.81 17.37 4.37
N VAL A 740 -7.62 17.77 4.81
CA VAL A 740 -7.43 17.98 6.23
C VAL A 740 -7.97 19.37 6.51
N LYS A 741 -8.83 19.49 7.51
CA LYS A 741 -9.44 20.77 7.82
C LYS A 741 -8.39 21.73 8.37
N ASP A 742 -8.64 23.02 8.15
CA ASP A 742 -7.85 24.13 8.69
C ASP A 742 -6.35 24.04 8.33
N ALA A 743 -6.09 23.67 7.08
CA ALA A 743 -4.72 23.44 6.61
C ALA A 743 -4.43 24.33 5.39
N THR A 744 -3.25 24.94 5.34
CA THR A 744 -2.80 25.67 4.16
C THR A 744 -1.39 25.24 3.79
N THR A 745 -0.97 25.56 2.58
CA THR A 745 0.37 25.20 2.12
C THR A 745 1.36 26.28 2.59
N ILE A 746 2.54 25.84 2.99
CA ILE A 746 3.66 26.71 3.43
C ILE A 746 3.92 27.78 2.38
N ALA A 747 3.74 27.41 1.12
CA ALA A 747 3.95 28.31 0.00
C ALA A 747 2.95 29.47 0.09
N LYS A 748 1.69 29.16 0.36
CA LYS A 748 0.66 30.20 0.41
C LYS A 748 0.93 31.16 1.55
N ILE A 749 1.31 30.59 2.68
CA ILE A 749 1.74 31.34 3.85
C ILE A 749 2.75 32.36 3.33
N GLN A 750 3.64 31.95 2.41
CA GLN A 750 4.61 32.94 1.99
C GLN A 750 4.18 33.86 0.84
N GLN A 751 3.23 33.42 0.00
CA GLN A 751 2.69 34.29 -1.06
C GLN A 751 1.78 35.36 -0.43
N SER A 752 1.29 35.11 0.79
CA SER A 752 0.44 36.12 1.42
C SER A 752 1.19 37.43 1.63
N THR A 753 2.19 37.41 2.50
CA THR A 753 2.96 38.61 2.81
C THR A 753 3.70 39.27 1.62
N VAL A 754 4.10 38.46 0.65
CA VAL A 754 4.84 38.95 -0.52
C VAL A 754 4.04 38.43 -1.71
N GLY A 755 4.11 39.01 -2.92
CA GLY A 755 3.29 38.44 -3.98
C GLY A 755 3.70 37.11 -4.62
N ASN A 756 4.15 37.14 -5.87
CA ASN A 756 4.47 35.91 -6.60
C ASN A 756 5.98 35.84 -6.66
N THR A 757 6.55 35.85 -5.47
CA THR A 757 7.96 35.76 -5.17
C THR A 757 8.07 34.78 -3.99
N GLY A 758 9.16 34.01 -3.87
CA GLY A 758 10.49 34.39 -4.33
C GLY A 758 11.18 34.87 -3.06
N ALA A 759 10.92 36.13 -2.71
CA ALA A 759 11.56 36.82 -1.60
C ALA A 759 10.98 36.29 -0.31
N PHE A 760 11.39 35.07 0.03
CA PHE A 760 10.95 34.41 1.25
C PHE A 760 11.40 35.13 2.50
N LYS A 761 10.49 35.22 3.46
CA LYS A 761 10.76 35.85 4.73
C LYS A 761 10.69 34.84 5.87
N ASP A 762 11.54 35.02 6.86
CA ASP A 762 11.74 34.04 7.93
C ASP A 762 10.63 34.02 8.97
N GLU A 763 10.10 35.20 9.24
CA GLU A 763 9.17 35.40 10.35
C GLU A 763 7.69 35.14 10.06
N VAL A 764 7.36 35.09 8.78
CA VAL A 764 5.96 34.98 8.34
C VAL A 764 5.23 33.79 8.97
N LEU A 765 5.88 32.63 8.94
CA LEU A 765 5.28 31.40 9.47
C LEU A 765 4.90 31.52 10.94
N ASN A 766 5.83 31.97 11.78
CA ASN A 766 5.51 32.19 13.19
C ASN A 766 4.36 33.19 13.34
N HIS A 767 4.45 34.29 12.60
CA HIS A 767 3.40 35.31 12.54
C HIS A 767 2.07 34.62 12.24
N TRP A 768 2.06 33.73 11.25
CA TRP A 768 0.84 33.06 10.82
C TRP A 768 0.25 32.20 11.93
N LEU A 769 1.12 31.59 12.71
CA LEU A 769 0.67 30.77 13.84
C LEU A 769 0.05 31.56 15.00
N LYS A 770 0.63 32.71 15.33
CA LYS A 770 0.08 33.56 16.38
C LYS A 770 -1.28 34.13 16.00
N GLU A 771 -1.40 34.56 14.74
CA GLU A 771 -2.66 35.09 14.23
C GLU A 771 -3.74 34.04 14.40
N LYS A 772 -3.36 32.82 14.05
CA LYS A 772 -4.23 31.67 13.94
C LYS A 772 -4.49 31.02 15.31
N SER A 773 -3.86 31.59 16.36
CA SER A 773 -4.04 31.11 17.74
C SER A 773 -4.95 31.96 18.60
N PRO A 774 -6.02 31.35 19.14
CA PRO A 774 -6.94 32.14 19.95
C PRO A 774 -6.28 32.67 21.22
N THR A 775 -5.76 31.77 22.04
CA THR A 775 -5.03 32.14 23.27
C THR A 775 -3.52 32.11 23.03
N GLU A 776 -2.77 32.13 24.13
CA GLU A 776 -1.31 32.05 24.14
C GLU A 776 -0.97 30.62 24.49
N GLU A 777 -1.96 29.94 25.08
CA GLU A 777 -1.75 28.56 25.44
C GLU A 777 -1.84 27.68 24.22
N LYS A 778 -2.83 27.96 23.37
CA LYS A 778 -2.96 27.21 22.14
C LYS A 778 -1.75 27.47 21.22
N PHE A 779 -1.27 28.72 21.20
CA PHE A 779 -0.13 29.09 20.37
C PHE A 779 1.11 28.26 20.70
N GLN A 780 1.38 28.17 22.00
CA GLN A 780 2.53 27.43 22.52
C GLN A 780 2.41 25.94 22.26
N ALA A 781 1.18 25.44 22.17
CA ALA A 781 0.97 24.03 21.87
C ALA A 781 1.27 23.82 20.40
N ALA A 782 0.78 24.75 19.56
CA ALA A 782 1.06 24.72 18.13
C ALA A 782 2.56 24.80 17.84
N VAL A 783 3.28 25.63 18.58
CA VAL A 783 4.73 25.75 18.38
C VAL A 783 5.45 24.44 18.68
N GLU A 784 5.02 23.73 19.71
CA GLU A 784 5.64 22.46 20.05
C GLU A 784 5.26 21.36 19.06
N ARG A 785 3.97 21.30 18.73
CA ARG A 785 3.43 20.35 17.74
C ARG A 785 4.15 20.52 16.40
N PHE A 786 4.43 21.77 16.03
CA PHE A 786 5.16 22.06 14.80
C PHE A 786 6.54 21.43 14.87
N VAL A 787 7.17 21.53 16.03
CA VAL A 787 8.49 21.00 16.24
C VAL A 787 8.46 19.48 16.09
N TYR A 788 7.39 18.87 16.56
CA TYR A 788 7.24 17.41 16.51
C TYR A 788 6.89 16.90 15.12
N SER A 789 5.94 17.58 14.47
CA SER A 789 5.50 17.21 13.12
C SER A 789 6.54 17.52 12.04
N CYS A 790 7.35 18.53 12.30
CA CYS A 790 8.43 18.94 11.40
C CYS A 790 9.51 17.87 11.38
N ALA A 791 9.95 17.48 12.58
CA ALA A 791 10.96 16.44 12.73
C ALA A 791 10.54 15.11 12.14
N GLY A 792 9.28 14.73 12.31
CA GLY A 792 8.79 13.49 11.76
C GLY A 792 8.87 13.43 10.25
N TYR A 793 8.54 14.54 9.61
CA TYR A 793 8.59 14.63 8.15
C TYR A 793 10.00 14.80 7.61
N CYS A 794 10.87 15.42 8.39
CA CYS A 794 12.27 15.58 7.99
C CYS A 794 12.95 14.21 7.94
N VAL A 795 12.65 13.36 8.90
CA VAL A 795 13.23 12.02 8.95
C VAL A 795 12.62 11.11 7.89
N ALA A 796 11.30 10.99 7.91
CA ALA A 796 10.54 10.12 7.01
C ALA A 796 10.82 10.36 5.52
N THR A 797 10.86 11.63 5.12
CA THR A 797 11.04 11.98 3.71
C THR A 797 12.48 11.72 3.27
N PHE A 798 13.41 11.82 4.21
CA PHE A 798 14.83 11.57 3.94
C PHE A 798 15.09 10.10 3.71
N VAL A 799 14.53 9.24 4.56
CA VAL A 799 14.71 7.81 4.45
C VAL A 799 14.10 7.31 3.13
N LEU A 800 13.03 7.98 2.68
CA LEU A 800 12.35 7.60 1.44
C LEU A 800 12.88 8.27 0.18
N GLY A 801 13.69 9.31 0.32
CA GLY A 801 14.31 9.96 -0.81
C GLY A 801 13.44 11.00 -1.46
N ILE A 802 12.37 11.37 -0.75
CA ILE A 802 11.41 12.32 -1.26
C ILE A 802 11.47 13.58 -0.39
N GLY A 803 12.64 13.83 0.20
CA GLY A 803 12.77 14.95 1.10
C GLY A 803 12.88 16.28 0.39
N ASP A 804 13.52 16.29 -0.78
CA ASP A 804 13.69 17.53 -1.53
C ASP A 804 12.40 17.92 -2.28
N ARG A 805 11.58 18.74 -1.65
CA ARG A 805 10.28 19.13 -2.21
C ARG A 805 10.22 20.66 -2.29
N HIS A 806 9.41 21.18 -3.21
CA HIS A 806 9.06 22.59 -3.20
C HIS A 806 8.00 22.78 -2.13
N ASN A 807 8.04 23.92 -1.43
CA ASN A 807 7.21 24.13 -0.24
C ASN A 807 5.73 24.30 -0.58
N ASP A 808 5.43 24.25 -1.87
CA ASP A 808 4.06 24.25 -2.34
C ASP A 808 3.43 22.89 -2.04
N ASN A 809 4.31 21.90 -1.83
CA ASN A 809 3.90 20.54 -1.49
C ASN A 809 4.08 20.29 0.00
N ILE A 810 4.17 21.36 0.79
CA ILE A 810 4.22 21.19 2.22
C ILE A 810 3.15 22.04 2.89
N MET A 811 2.32 21.40 3.72
CA MET A 811 1.23 22.09 4.38
C MET A 811 1.37 22.16 5.89
N ILE A 812 0.49 22.95 6.51
CA ILE A 812 0.43 23.07 7.95
C ILE A 812 -0.98 23.37 8.43
N THR A 813 -1.35 22.78 9.56
CA THR A 813 -2.63 23.05 10.16
C THR A 813 -2.51 24.28 11.04
N GLU A 814 -3.65 24.94 11.24
CA GLU A 814 -3.78 26.07 12.14
C GLU A 814 -3.28 25.70 13.56
N THR A 815 -3.24 24.41 13.85
CA THR A 815 -2.84 23.92 15.18
C THR A 815 -1.36 23.49 15.20
N GLY A 816 -0.64 23.79 14.12
CA GLY A 816 0.79 23.65 14.02
C GLY A 816 1.35 22.36 13.41
N ASN A 817 0.46 21.52 12.92
CA ASN A 817 0.82 20.24 12.31
C ASN A 817 1.32 20.34 10.89
N LEU A 818 2.63 20.19 10.69
CA LEU A 818 3.21 20.24 9.36
C LEU A 818 3.07 18.89 8.67
N PHE A 819 2.78 18.90 7.37
CA PHE A 819 2.70 17.66 6.60
C PHE A 819 2.90 17.87 5.09
N HIS A 820 3.59 16.91 4.47
CA HIS A 820 3.87 16.86 3.02
C HIS A 820 2.77 16.22 2.16
N ILE A 821 2.62 16.70 0.92
CA ILE A 821 1.62 16.15 -0.01
C ILE A 821 2.19 15.85 -1.42
N ASP A 822 1.34 15.35 -2.32
CA ASP A 822 1.67 15.16 -3.75
C ASP A 822 2.88 14.26 -4.00
N PHE A 823 2.85 13.04 -3.51
CA PHE A 823 3.98 12.13 -3.61
C PHE A 823 4.27 11.48 -4.97
N GLY A 824 3.24 11.32 -5.80
CA GLY A 824 3.44 10.77 -7.14
C GLY A 824 4.40 11.60 -7.96
N GLU A 839 21.99 21.57 -7.26
CA GLU A 839 22.02 21.37 -5.80
C GLU A 839 20.84 20.54 -5.29
N ARG A 840 20.89 20.17 -4.02
CA ARG A 840 19.91 19.31 -3.35
C ARG A 840 19.90 19.50 -1.84
N VAL A 841 18.91 18.93 -1.17
CA VAL A 841 18.68 19.10 0.27
C VAL A 841 18.12 17.79 0.78
N PRO A 842 18.54 17.36 1.98
CA PRO A 842 18.14 16.03 2.44
C PRO A 842 16.67 16.07 2.76
N PHE A 843 16.19 17.26 3.12
CA PHE A 843 14.78 17.50 3.39
C PHE A 843 14.52 19.00 3.51
N VAL A 844 13.28 19.36 3.79
CA VAL A 844 12.92 20.77 3.87
C VAL A 844 12.91 21.20 5.33
N LEU A 845 13.89 22.02 5.67
CA LEU A 845 14.00 22.63 6.98
C LEU A 845 14.55 24.01 6.73
N THR A 846 13.65 24.93 6.38
CA THR A 846 14.04 26.25 5.96
C THR A 846 13.99 27.24 7.12
N PRO A 847 14.65 28.41 6.97
CA PRO A 847 14.71 29.48 7.98
C PRO A 847 13.38 29.77 8.69
N ASP A 848 12.27 29.71 7.96
CA ASP A 848 10.97 29.98 8.55
C ASP A 848 10.57 28.96 9.61
N PHE A 849 10.87 27.70 9.32
CA PHE A 849 10.63 26.62 10.27
C PHE A 849 11.51 26.82 11.48
N LEU A 850 12.75 27.16 11.19
CA LEU A 850 13.76 27.34 12.21
C LEU A 850 13.47 28.54 13.10
N PHE A 851 12.89 29.58 12.50
CA PHE A 851 12.54 30.77 13.25
C PHE A 851 11.45 30.45 14.27
N VAL A 852 10.47 29.64 13.86
CA VAL A 852 9.35 29.23 14.73
C VAL A 852 9.85 28.55 16.01
N MET A 853 10.93 27.78 15.89
CA MET A 853 11.51 27.09 17.03
C MET A 853 12.39 28.07 17.81
N GLY A 854 12.51 29.26 17.24
CA GLY A 854 13.21 30.41 17.80
C GLY A 854 14.72 30.35 17.60
N THR A 855 15.14 30.15 16.35
CA THR A 855 16.55 30.16 15.99
C THR A 855 16.79 30.59 14.54
N SER A 856 17.92 31.21 14.24
CA SER A 856 18.21 31.62 12.85
C SER A 856 19.70 31.82 12.55
N GLY A 857 20.29 30.99 11.70
CA GLY A 857 21.70 31.17 11.36
C GLY A 857 22.66 30.82 12.48
N LYS A 858 23.03 29.55 12.63
CA LYS A 858 24.07 29.16 13.61
C LYS A 858 23.87 29.65 15.06
N LYS A 859 22.68 29.42 15.60
CA LYS A 859 22.27 29.91 16.91
C LYS A 859 21.37 28.84 17.52
N THR A 860 21.85 27.92 18.36
CA THR A 860 20.92 26.93 18.91
C THR A 860 19.82 27.59 19.77
N SER A 861 18.91 26.79 20.32
CA SER A 861 17.78 27.28 21.12
C SER A 861 17.11 26.08 21.81
N PRO A 862 16.39 26.31 22.93
CA PRO A 862 15.65 25.19 23.54
C PRO A 862 14.76 24.41 22.57
N HIS A 863 13.87 25.06 21.80
CA HIS A 863 13.00 24.32 20.89
C HIS A 863 13.82 23.62 19.80
N PHE A 864 14.93 24.23 19.40
CA PHE A 864 15.78 23.61 18.40
C PHE A 864 16.59 22.40 18.92
N GLN A 865 17.09 22.45 20.16
CA GLN A 865 17.71 21.26 20.78
C GLN A 865 16.62 20.19 20.83
N LYS A 866 15.41 20.59 21.22
CA LYS A 866 14.31 19.62 21.26
C LYS A 866 14.18 19.00 19.88
N PHE A 867 14.10 19.82 18.85
CA PHE A 867 14.00 19.31 17.48
C PHE A 867 15.02 18.24 17.13
N GLN A 868 16.30 18.62 17.19
CA GLN A 868 17.39 17.69 16.94
C GLN A 868 17.24 16.36 17.68
N ASP A 869 17.16 16.46 19.01
CA ASP A 869 17.02 15.31 19.90
C ASP A 869 15.88 14.38 19.45
N ILE A 870 14.76 14.96 19.03
CA ILE A 870 13.62 14.20 18.54
C ILE A 870 13.97 13.44 17.28
N CYS A 871 14.53 14.14 16.30
CA CYS A 871 14.91 13.55 15.02
C CYS A 871 15.79 12.32 15.20
N VAL A 872 16.85 12.46 15.97
CA VAL A 872 17.80 11.38 16.25
C VAL A 872 17.11 10.14 16.80
N LYS A 873 16.29 10.37 17.85
CA LYS A 873 15.53 9.30 18.46
C LYS A 873 14.71 8.73 17.30
N ALA A 874 13.91 9.58 16.66
CA ALA A 874 13.10 9.13 15.54
C ALA A 874 13.95 8.32 14.53
N TYR A 875 15.15 8.80 14.17
CA TYR A 875 16.02 8.18 13.16
C TYR A 875 16.56 6.81 13.54
N LEU A 876 17.22 6.75 14.70
CA LEU A 876 17.79 5.52 15.21
C LEU A 876 16.73 4.44 15.44
N ALA A 877 15.50 4.86 15.74
CA ALA A 877 14.41 3.91 15.91
C ALA A 877 14.04 3.21 14.60
N LEU A 878 14.02 3.97 13.52
CA LEU A 878 13.74 3.46 12.19
C LEU A 878 14.82 2.47 11.76
N ARG A 879 16.06 2.80 12.10
CA ARG A 879 17.19 1.94 11.79
C ARG A 879 17.12 0.56 12.43
N HIS A 880 16.39 0.46 13.54
CA HIS A 880 16.19 -0.82 14.21
C HIS A 880 15.28 -1.67 13.35
N HIS A 881 14.67 -1.03 12.36
CA HIS A 881 13.79 -1.77 11.47
C HIS A 881 14.23 -1.63 10.02
N THR A 882 15.53 -1.47 9.83
CA THR A 882 16.16 -1.30 8.51
C THR A 882 15.67 -2.27 7.43
N ASN A 883 15.70 -3.56 7.74
CA ASN A 883 15.33 -4.60 6.76
C ASN A 883 13.90 -4.49 6.27
N LEU A 884 12.99 -4.27 7.19
CA LEU A 884 11.58 -4.04 6.89
C LEU A 884 11.41 -2.88 5.91
N LEU A 885 12.06 -1.77 6.22
CA LEU A 885 11.96 -0.56 5.43
C LEU A 885 12.50 -0.80 4.02
N ILE A 886 13.60 -1.55 3.94
CA ILE A 886 14.25 -1.86 2.66
C ILE A 886 13.40 -2.76 1.75
N ILE A 887 12.78 -3.76 2.36
CA ILE A 887 11.93 -4.68 1.61
C ILE A 887 10.65 -3.99 1.15
N LEU A 888 10.05 -3.19 2.04
CA LEU A 888 8.85 -2.44 1.68
C LEU A 888 9.15 -1.44 0.57
N PHE A 889 10.35 -0.83 0.65
CA PHE A 889 10.79 0.15 -0.33
C PHE A 889 11.00 -0.54 -1.67
N SER A 890 11.83 -1.57 -1.66
CA SER A 890 12.06 -2.44 -2.82
C SER A 890 10.77 -2.87 -3.52
N MET A 891 9.85 -3.46 -2.77
CA MET A 891 8.58 -3.90 -3.31
C MET A 891 7.80 -2.74 -3.86
N MET A 892 7.78 -1.65 -3.08
CA MET A 892 7.06 -0.44 -3.45
C MET A 892 7.48 -0.03 -4.82
N LEU A 893 8.79 -0.05 -5.02
CA LEU A 893 9.32 0.30 -6.30
C LEU A 893 8.90 -0.72 -7.37
N MET A 894 9.00 -2.02 -7.09
CA MET A 894 8.68 -3.02 -8.11
C MET A 894 7.20 -3.03 -8.56
N THR A 895 6.27 -2.77 -7.65
CA THR A 895 4.81 -2.86 -7.89
C THR A 895 4.09 -1.51 -8.04
N GLY A 896 4.84 -0.44 -7.81
CA GLY A 896 4.33 0.92 -7.64
C GLY A 896 4.95 2.02 -8.45
N MET A 897 6.16 1.81 -8.97
CA MET A 897 6.75 2.88 -9.77
C MET A 897 7.20 2.19 -11.03
N PRO A 898 7.37 3.01 -12.10
CA PRO A 898 7.70 2.53 -13.43
C PRO A 898 8.86 1.57 -13.41
N GLN A 899 9.50 1.39 -14.55
CA GLN A 899 10.54 0.42 -14.55
C GLN A 899 11.66 1.08 -13.77
N LEU A 900 12.36 0.28 -13.01
CA LEU A 900 13.35 0.83 -12.14
C LEU A 900 14.60 0.12 -12.34
N THR A 901 15.50 0.28 -11.40
CA THR A 901 16.78 -0.32 -11.58
C THR A 901 16.87 -1.13 -10.34
N SER A 902 17.05 -2.43 -10.56
CA SER A 902 17.28 -3.35 -9.48
C SER A 902 18.73 -3.23 -9.07
N LYS A 903 19.05 -1.99 -8.69
CA LYS A 903 20.38 -1.59 -8.30
C LYS A 903 20.32 -0.26 -7.57
N GLU A 904 20.52 0.82 -8.33
CA GLU A 904 20.58 2.20 -7.81
C GLU A 904 19.41 2.88 -7.11
N ASP A 905 18.17 2.71 -7.57
CA ASP A 905 17.02 3.34 -6.90
C ASP A 905 16.96 2.79 -5.50
N ILE A 906 16.91 1.46 -5.45
CA ILE A 906 16.77 0.67 -4.23
C ILE A 906 17.91 1.03 -3.27
N GLU A 907 19.07 1.41 -3.80
CA GLU A 907 20.20 1.54 -2.91
C GLU A 907 20.26 2.88 -2.23
N TYR A 908 19.39 3.80 -2.62
CA TYR A 908 19.39 5.10 -1.97
C TYR A 908 19.18 4.93 -0.45
N ILE A 909 18.17 4.09 -0.14
CA ILE A 909 17.67 3.94 1.23
C ILE A 909 18.61 3.21 2.15
N ARG A 910 19.46 2.43 1.50
CA ARG A 910 20.53 1.68 2.09
C ARG A 910 21.53 2.68 2.64
N ASP A 911 21.86 3.65 1.79
CA ASP A 911 22.77 4.72 2.14
C ASP A 911 22.16 5.66 3.18
N ALA A 912 20.87 5.97 3.00
CA ALA A 912 20.13 6.89 3.87
C ALA A 912 19.95 6.41 5.30
N LEU A 913 19.86 5.10 5.46
CA LEU A 913 19.77 4.44 6.76
C LEU A 913 21.12 4.01 7.30
N THR A 914 22.19 4.53 6.70
CA THR A 914 23.58 4.21 7.07
C THR A 914 23.82 2.78 7.46
N VAL A 915 23.45 1.86 6.56
CA VAL A 915 23.60 0.44 6.84
C VAL A 915 25.06 0.13 7.21
N GLY A 916 25.17 -0.62 8.28
CA GLY A 916 26.42 -1.09 8.86
C GLY A 916 27.25 -0.06 9.63
N LYS A 917 26.59 0.71 10.50
CA LYS A 917 27.23 1.70 11.37
C LYS A 917 26.59 1.63 12.76
N ASN A 918 27.40 1.88 13.78
CA ASN A 918 26.97 2.07 15.16
C ASN A 918 25.93 3.21 15.19
N GLU A 919 25.13 3.23 16.26
CA GLU A 919 24.19 4.31 16.54
C GLU A 919 24.85 5.68 16.68
N GLU A 920 26.09 5.71 17.12
CA GLU A 920 26.82 6.98 17.27
C GLU A 920 27.16 7.66 15.93
N ASP A 921 27.73 6.92 14.99
CA ASP A 921 28.01 7.47 13.66
C ASP A 921 26.71 7.94 13.01
N ALA A 922 25.70 7.09 13.09
CA ALA A 922 24.38 7.39 12.55
C ALA A 922 23.78 8.68 13.10
N LYS A 923 23.82 8.85 14.42
CA LYS A 923 23.30 10.06 15.05
C LYS A 923 23.99 11.25 14.39
N LYS A 924 25.31 11.17 14.30
CA LYS A 924 26.12 12.22 13.69
C LYS A 924 25.87 12.38 12.20
N TYR A 925 25.48 11.29 11.53
CA TYR A 925 25.17 11.34 10.10
C TYR A 925 23.98 12.26 9.88
N PHE A 926 22.95 12.10 10.70
CA PHE A 926 21.73 12.90 10.59
C PHE A 926 21.91 14.35 10.97
N LEU A 927 22.62 14.58 12.06
CA LEU A 927 22.91 15.93 12.51
C LEU A 927 23.63 16.67 11.38
N ASP A 928 24.53 15.96 10.70
CA ASP A 928 25.21 16.51 9.54
C ASP A 928 24.22 16.91 8.45
N GLN A 929 23.22 16.07 8.24
CA GLN A 929 22.20 16.31 7.23
C GLN A 929 21.42 17.60 7.54
N ILE A 930 21.13 17.81 8.82
CA ILE A 930 20.47 19.03 9.31
C ILE A 930 21.32 20.27 9.00
N GLU A 931 22.64 20.13 9.11
CA GLU A 931 23.56 21.24 8.85
C GLU A 931 23.59 21.64 7.38
N VAL A 932 23.39 20.66 6.51
CA VAL A 932 23.27 20.91 5.09
C VAL A 932 22.11 21.86 4.85
N CYS A 933 21.02 21.67 5.60
CA CYS A 933 19.85 22.51 5.45
C CYS A 933 20.08 23.94 5.86
N ARG A 934 20.74 24.14 7.01
CA ARG A 934 21.06 25.48 7.49
C ARG A 934 21.82 26.22 6.39
N ASP A 935 22.86 25.55 5.88
CA ASP A 935 23.78 26.18 4.95
C ASP A 935 23.10 26.59 3.64
N LYS A 936 22.05 25.87 3.26
CA LYS A 936 21.42 26.11 1.98
C LYS A 936 20.38 27.21 2.10
N GLY A 937 19.85 27.37 3.30
CA GLY A 937 18.87 28.40 3.57
C GLY A 937 17.69 28.34 2.62
N TRP A 938 17.46 29.44 1.92
CA TRP A 938 16.35 29.50 0.99
C TRP A 938 16.81 29.17 -0.43
N THR A 939 18.10 28.82 -0.57
CA THR A 939 18.71 28.66 -1.90
C THR A 939 17.95 27.63 -2.72
N VAL A 940 17.66 26.49 -2.11
CA VAL A 940 17.00 25.42 -2.83
C VAL A 940 15.52 25.67 -3.11
N GLN A 941 14.81 26.22 -2.13
CA GLN A 941 13.42 26.62 -2.36
C GLN A 941 13.33 27.59 -3.54
N PHE A 942 14.21 28.58 -3.50
CA PHE A 942 14.31 29.62 -4.52
C PHE A 942 14.51 28.99 -5.89
N ASN A 943 15.36 27.99 -5.95
CA ASN A 943 15.64 27.29 -7.19
C ASN A 943 14.38 26.60 -7.67
N TRP A 944 13.70 25.92 -6.75
CA TRP A 944 12.44 25.26 -7.04
C TRP A 944 11.46 26.27 -7.61
N PHE A 945 11.44 27.47 -7.04
CA PHE A 945 10.54 28.52 -7.52
C PHE A 945 10.80 28.87 -8.99
N LEU A 946 12.07 29.12 -9.35
CA LEU A 946 12.43 29.43 -10.74
C LEU A 946 11.97 28.29 -11.64
N HIS A 947 12.25 27.06 -11.24
CA HIS A 947 11.90 25.91 -12.05
C HIS A 947 10.39 25.69 -12.16
N LEU A 948 9.67 25.47 -11.05
CA LEU A 948 8.26 25.06 -11.16
C LEU A 948 7.25 26.16 -11.47
N VAL A 949 7.52 27.37 -10.97
CA VAL A 949 6.68 28.55 -11.10
C VAL A 949 6.91 29.23 -12.46
N LEU A 950 8.18 29.22 -12.89
CA LEU A 950 8.59 29.84 -14.15
C LEU A 950 9.31 29.31 -15.41
N GLY A 951 10.46 28.65 -15.23
CA GLY A 951 11.03 27.67 -16.18
C GLY A 951 12.49 27.28 -15.94
C1 0SE B . -6.70 28.46 -3.70
C2 0SE B . -7.88 27.61 -3.23
C3 0SE B . -8.44 26.82 -4.42
C4 0SE B . -7.44 26.64 -2.13
C5 0SE B . -6.65 25.50 -2.78
C6 0SE B . -6.40 24.54 -1.63
N7 0SE B . -5.37 25.17 -0.83
C8 0SE B . -5.96 26.28 -0.07
C9 0SE B . -6.59 27.31 -1.03
C10 0SE B . -4.62 24.19 -0.02
C11 0SE B . -4.14 23.01 -0.86
C12 0SE B . -3.53 23.19 -2.09
C13 0SE B . -3.11 22.10 -2.82
C14 0SE B . -3.29 20.82 -2.28
C15 0SE B . -3.91 20.71 -1.01
N16 0SE B . -4.30 21.80 -0.36
C17 0SE B . -4.10 19.36 -0.46
N18 0SE B . -3.66 18.34 -1.19
C19 0SE B . -3.08 18.52 -2.38
N20 0SE B . -2.91 19.71 -2.92
C21 0SE B . -2.61 17.35 -3.16
C22 0SE B . -2.56 17.43 -4.57
N23 0SE B . -2.13 16.39 -5.25
C24 0SE B . -1.75 15.28 -4.63
N25 0SE B . -1.78 15.16 -3.30
C26 0SE B . -2.20 16.17 -2.55
N27 0SE B . -1.31 14.20 -5.38
N28 0SE B . -4.67 19.17 0.78
C29 0SE B . -4.39 17.83 1.33
C30 0SE B . -5.21 17.62 2.60
O31 0SE B . -5.56 18.87 3.20
C32 0SE B . -6.37 19.74 2.41
C33 0SE B . -6.08 19.54 0.92
O34 0SE B . -8.91 28.45 -2.71
#